data_3RKR
#
_entry.id   3RKR
#
_cell.length_a   243.167
_cell.length_b   243.167
_cell.length_c   151.549
_cell.angle_alpha   90.00
_cell.angle_beta   90.00
_cell.angle_gamma   90.00
#
_symmetry.space_group_name_H-M   'I 4 2 2'
#
loop_
_entity.id
_entity.type
_entity.pdbx_description
1 polymer 'Short chain oxidoreductase'
2 non-polymer 'NADP NICOTINAMIDE-ADENINE-DINUCLEOTIDE PHOSPHATE'
3 non-polymer 'SULFATE ION'
4 water water
#
_entity_poly.entity_id   1
_entity_poly.type   'polypeptide(L)'
_entity_poly.pdbx_seq_one_letter_code
;MGHHHHHHHHHHSSGHIDDDDKHMSSLSGQVAVVTGASRGIGAAIARKLGSLGARVVLTARDVEKLRAVEREIVAAGGEA
ESHACDLSHSDAIAAFATGVLAAHGRCDVLVNNAGVGWFGGPLHTMKPAEWDALIAVNLKAPYLLLRAFAPAMIAAKRGH
IINISSLAGKNPVADGAAYTASKWGLNGLMTSAAEELRQHQVRVSLVAPGSVRTEFGVGLSAKKSALGAIEPDDIADVVA
LLATQADQSFISEVLVRPTLKK
;
_entity_poly.pdbx_strand_id   A,B,C,D
#
loop_
_chem_comp.id
_chem_comp.type
_chem_comp.name
_chem_comp.formula
NAP non-polymer 'NADP NICOTINAMIDE-ADENINE-DINUCLEOTIDE PHOSPHATE' 'C21 H28 N7 O17 P3'
SO4 non-polymer 'SULFATE ION' 'O4 S -2'
#
# COMPACT_ATOMS: atom_id res chain seq x y z
N SER A 25 -8.61 -20.59 -6.13
CA SER A 25 -9.47 -19.41 -6.00
C SER A 25 -9.21 -18.37 -7.08
N SER A 26 -10.25 -17.65 -7.46
CA SER A 26 -10.16 -16.68 -8.54
C SER A 26 -9.18 -15.57 -8.28
N LEU A 27 -9.15 -15.06 -7.06
CA LEU A 27 -8.28 -13.94 -6.74
C LEU A 27 -7.10 -14.26 -5.84
N SER A 28 -6.74 -15.54 -5.74
CA SER A 28 -5.66 -15.93 -4.89
C SER A 28 -4.36 -15.29 -5.28
N GLY A 29 -3.62 -14.84 -4.28
CA GLY A 29 -2.36 -14.16 -4.48
C GLY A 29 -2.51 -12.69 -4.75
N GLN A 30 -3.74 -12.22 -4.74
CA GLN A 30 -4.00 -10.79 -5.00
C GLN A 30 -4.23 -9.99 -3.71
N VAL A 31 -3.99 -8.67 -3.83
CA VAL A 31 -4.25 -7.70 -2.75
C VAL A 31 -5.37 -6.75 -3.21
N ALA A 32 -6.37 -6.58 -2.35
CA ALA A 32 -7.54 -5.74 -2.62
C ALA A 32 -7.62 -4.74 -1.48
N VAL A 33 -7.64 -3.44 -1.83
CA VAL A 33 -7.85 -2.35 -0.87
C VAL A 33 -9.32 -1.91 -1.02
N VAL A 34 -10.09 -1.93 0.07
CA VAL A 34 -11.48 -1.52 0.07
C VAL A 34 -11.65 -0.36 1.07
N THR A 35 -12.05 0.84 0.62
CA THR A 35 -12.22 1.97 1.57
C THR A 35 -13.64 1.89 2.13
N GLY A 36 -13.89 2.50 3.28
CA GLY A 36 -15.22 2.47 3.90
C GLY A 36 -15.68 1.03 4.09
N ALA A 37 -14.78 0.17 4.57
CA ALA A 37 -15.06 -1.26 4.62
C ALA A 37 -15.74 -1.73 5.91
N SER A 38 -16.02 -0.81 6.83
CA SER A 38 -16.59 -1.18 8.13
C SER A 38 -18.05 -1.64 8.11
N ARG A 39 -18.86 -1.21 7.15
CA ARG A 39 -20.29 -1.64 7.09
C ARG A 39 -20.85 -1.64 5.68
N GLY A 40 -22.08 -2.14 5.53
CA GLY A 40 -22.83 -2.06 4.27
C GLY A 40 -22.10 -2.52 3.02
N ILE A 41 -22.12 -1.67 1.98
CA ILE A 41 -21.55 -2.03 0.70
C ILE A 41 -20.05 -2.38 0.85
N GLY A 42 -19.33 -1.51 1.55
CA GLY A 42 -17.91 -1.75 1.80
C GLY A 42 -17.61 -3.10 2.45
N ALA A 43 -18.31 -3.39 3.56
CA ALA A 43 -18.19 -4.67 4.26
C ALA A 43 -18.46 -5.85 3.34
N ALA A 44 -19.57 -5.76 2.60
CA ALA A 44 -19.98 -6.83 1.70
C ALA A 44 -18.95 -7.03 0.57
N ILE A 45 -18.32 -5.94 0.11
CA ILE A 45 -17.32 -6.06 -0.94
C ILE A 45 -16.10 -6.76 -0.34
N ALA A 46 -15.69 -6.34 0.85
CA ALA A 46 -14.59 -6.97 1.58
C ALA A 46 -14.81 -8.49 1.70
N ARG A 47 -15.95 -8.90 2.28
CA ARG A 47 -16.22 -10.36 2.41
C ARG A 47 -16.20 -11.09 1.09
N LYS A 48 -16.82 -10.48 0.08
CA LYS A 48 -16.87 -11.12 -1.23
C LYS A 48 -15.46 -11.30 -1.77
N LEU A 49 -14.65 -10.25 -1.81
CA LEU A 49 -13.31 -10.43 -2.38
C LEU A 49 -12.46 -11.41 -1.53
N GLY A 50 -12.63 -11.36 -0.21
CA GLY A 50 -11.95 -12.31 0.68
C GLY A 50 -12.32 -13.77 0.35
N SER A 51 -13.60 -14.01 0.10
CA SER A 51 -14.07 -15.34 -0.20
C SER A 51 -13.50 -15.86 -1.51
N LEU A 52 -13.02 -14.99 -2.38
CA LEU A 52 -12.43 -15.41 -3.66
C LEU A 52 -10.93 -15.55 -3.56
N GLY A 53 -10.40 -15.37 -2.36
CA GLY A 53 -8.97 -15.56 -2.14
C GLY A 53 -8.08 -14.32 -2.08
N ALA A 54 -8.62 -13.13 -2.35
CA ALA A 54 -7.84 -11.90 -2.26
C ALA A 54 -7.46 -11.63 -0.82
N ARG A 55 -6.27 -11.08 -0.61
CA ARG A 55 -5.95 -10.52 0.67
C ARG A 55 -6.59 -9.10 0.77
N VAL A 56 -7.49 -8.90 1.72
CA VAL A 56 -8.26 -7.70 1.80
C VAL A 56 -7.68 -6.75 2.82
N VAL A 57 -7.23 -5.60 2.33
CA VAL A 57 -6.80 -4.51 3.17
C VAL A 57 -7.99 -3.57 3.40
N LEU A 58 -8.54 -3.61 4.60
CA LEU A 58 -9.72 -2.87 4.98
C LEU A 58 -9.30 -1.55 5.58
N THR A 59 -9.99 -0.51 5.16
CA THR A 59 -9.77 0.78 5.78
C THR A 59 -11.06 1.54 6.11
N ALA A 60 -10.97 2.40 7.13
CA ALA A 60 -12.07 3.26 7.56
C ALA A 60 -11.54 4.15 8.67
N ARG A 61 -12.37 4.93 9.33
CA ARG A 61 -11.92 5.71 10.46
C ARG A 61 -11.94 4.92 11.77
N ASP A 62 -12.95 4.09 11.91
CA ASP A 62 -13.16 3.30 13.10
C ASP A 62 -12.59 1.91 12.99
N VAL A 63 -11.48 1.68 13.68
CA VAL A 63 -10.80 0.41 13.67
C VAL A 63 -11.65 -0.71 14.24
N GLU A 64 -12.40 -0.44 15.29
CA GLU A 64 -13.23 -1.48 15.89
C GLU A 64 -14.29 -2.05 14.97
N LYS A 65 -14.98 -1.22 14.20
CA LYS A 65 -16.00 -1.75 13.29
C LYS A 65 -15.33 -2.54 12.18
N LEU A 66 -14.11 -2.14 11.83
CA LEU A 66 -13.32 -2.87 10.84
C LEU A 66 -12.99 -4.29 11.29
N ARG A 67 -12.65 -4.43 12.57
CA ARG A 67 -12.21 -5.74 13.08
C ARG A 67 -13.25 -6.84 13.04
N ALA A 68 -14.51 -6.49 13.31
CA ALA A 68 -15.60 -7.43 13.11
C ALA A 68 -15.50 -8.03 11.71
N VAL A 69 -15.44 -7.17 10.69
CA VAL A 69 -15.35 -7.61 9.30
C VAL A 69 -14.06 -8.37 9.01
N GLU A 70 -12.94 -7.87 9.52
CA GLU A 70 -11.69 -8.62 9.46
C GLU A 70 -11.85 -10.04 10.04
N ARG A 71 -12.44 -10.16 11.24
CA ARG A 71 -12.67 -11.49 11.84
C ARG A 71 -13.56 -12.37 10.95
N GLU A 72 -14.64 -11.83 10.36
CA GLU A 72 -15.51 -12.67 9.54
C GLU A 72 -14.75 -13.25 8.35
N ILE A 73 -13.93 -12.42 7.70
CA ILE A 73 -13.18 -12.85 6.50
C ILE A 73 -12.25 -14.01 6.86
N VAL A 74 -11.50 -13.82 7.95
CA VAL A 74 -10.57 -14.82 8.46
C VAL A 74 -11.33 -16.10 8.91
N ALA A 75 -12.39 -15.94 9.68
CA ALA A 75 -13.28 -17.05 10.08
C ALA A 75 -13.73 -17.90 8.90
N ALA A 76 -14.16 -17.28 7.81
CA ALA A 76 -14.55 -18.04 6.63
C ALA A 76 -13.33 -18.54 5.81
N GLY A 77 -12.11 -18.42 6.34
CA GLY A 77 -10.96 -18.98 5.63
C GLY A 77 -10.11 -18.03 4.78
N GLY A 78 -10.38 -16.71 4.78
CA GLY A 78 -9.58 -15.78 3.96
C GLY A 78 -8.48 -15.02 4.68
N GLU A 79 -7.83 -14.06 4.01
CA GLU A 79 -6.86 -13.16 4.68
C GLU A 79 -7.36 -11.72 4.68
N ALA A 80 -7.17 -11.01 5.79
CA ALA A 80 -7.58 -9.60 5.89
C ALA A 80 -6.77 -8.82 6.93
N GLU A 81 -6.61 -7.52 6.71
CA GLU A 81 -5.97 -6.68 7.70
C GLU A 81 -6.75 -5.35 7.75
N SER A 82 -6.60 -4.63 8.85
CA SER A 82 -7.36 -3.41 9.15
C SER A 82 -6.44 -2.24 9.35
N HIS A 83 -6.78 -1.07 8.80
CA HIS A 83 -5.97 0.15 8.99
C HIS A 83 -6.85 1.37 9.11
N ALA A 84 -6.72 2.11 10.20
CA ALA A 84 -7.42 3.38 10.31
C ALA A 84 -6.74 4.32 9.32
N CYS A 85 -7.53 5.10 8.59
CA CYS A 85 -6.97 6.10 7.67
C CYS A 85 -7.98 7.21 7.52
N ASP A 86 -7.61 8.41 7.89
CA ASP A 86 -8.49 9.55 7.66
C ASP A 86 -8.33 10.05 6.23
N LEU A 87 -9.32 9.78 5.39
CA LEU A 87 -9.24 10.07 3.94
C LEU A 87 -9.24 11.57 3.59
N SER A 88 -9.51 12.43 4.57
CA SER A 88 -9.42 13.86 4.30
C SER A 88 -8.02 14.36 4.53
N HIS A 89 -7.07 13.48 4.87
CA HIS A 89 -5.69 13.96 5.00
C HIS A 89 -4.79 13.32 3.94
N SER A 90 -4.30 14.12 3.03
CA SER A 90 -3.44 13.66 1.93
C SER A 90 -2.25 12.84 2.45
N ASP A 91 -1.49 13.35 3.42
CA ASP A 91 -0.35 12.60 3.94
C ASP A 91 -0.74 11.24 4.52
N ALA A 92 -1.84 11.19 5.25
CA ALA A 92 -2.35 9.94 5.79
C ALA A 92 -2.58 8.91 4.67
N ILE A 93 -3.06 9.34 3.51
CA ILE A 93 -3.33 8.44 2.41
C ILE A 93 -2.03 7.95 1.79
N ALA A 94 -1.06 8.84 1.63
CA ALA A 94 0.26 8.44 1.13
C ALA A 94 0.92 7.45 2.14
N ALA A 95 0.85 7.74 3.45
CA ALA A 95 1.37 6.82 4.50
C ALA A 95 0.71 5.43 4.39
N PHE A 96 -0.61 5.42 4.19
CA PHE A 96 -1.34 4.18 4.09
C PHE A 96 -0.90 3.37 2.85
N ALA A 97 -0.82 4.01 1.70
CA ALA A 97 -0.40 3.31 0.49
C ALA A 97 1.04 2.74 0.63
N THR A 98 1.94 3.57 1.14
CA THR A 98 3.34 3.21 1.32
C THR A 98 3.41 1.93 2.18
N GLY A 99 2.63 1.89 3.27
CA GLY A 99 2.57 0.69 4.09
C GLY A 99 2.07 -0.55 3.39
N VAL A 100 0.99 -0.41 2.64
CA VAL A 100 0.44 -1.53 1.93
C VAL A 100 1.42 -2.06 0.88
N LEU A 101 2.06 -1.18 0.13
CA LEU A 101 2.95 -1.63 -0.93
C LEU A 101 4.29 -2.17 -0.36
N ALA A 102 4.76 -1.55 0.73
CA ALA A 102 5.94 -2.04 1.45
C ALA A 102 5.67 -3.45 2.02
N ALA A 103 4.44 -3.72 2.48
CA ALA A 103 4.14 -5.03 3.10
C ALA A 103 3.86 -6.12 2.05
N HIS A 104 3.28 -5.80 0.90
CA HIS A 104 2.86 -6.87 -0.01
C HIS A 104 3.38 -6.72 -1.43
N GLY A 105 4.04 -5.59 -1.73
CA GLY A 105 4.57 -5.36 -3.09
C GLY A 105 3.57 -5.24 -4.23
N ARG A 106 2.28 -5.17 -3.95
CA ARG A 106 1.30 -5.06 -5.02
C ARG A 106 -0.08 -4.61 -4.57
N CYS A 107 -0.86 -4.04 -5.49
CA CYS A 107 -2.29 -3.78 -5.20
C CYS A 107 -2.98 -4.10 -6.51
N ASP A 108 -3.84 -5.12 -6.48
CA ASP A 108 -4.50 -5.61 -7.66
C ASP A 108 -5.86 -4.94 -7.87
N VAL A 109 -6.51 -4.60 -6.76
CA VAL A 109 -7.83 -4.05 -6.80
C VAL A 109 -7.93 -2.93 -5.76
N LEU A 110 -8.21 -1.72 -6.24
CA LEU A 110 -8.48 -0.59 -5.35
C LEU A 110 -10.01 -0.27 -5.44
N VAL A 111 -10.75 -0.42 -4.35
CA VAL A 111 -12.15 -0.09 -4.40
C VAL A 111 -12.41 1.23 -3.68
N ASN A 112 -12.80 2.27 -4.44
CA ASN A 112 -13.19 3.56 -3.84
C ASN A 112 -14.65 3.48 -3.45
N ASN A 113 -14.92 3.24 -2.18
CA ASN A 113 -16.27 3.08 -1.67
C ASN A 113 -16.63 4.05 -0.54
N ALA A 114 -15.66 4.55 0.20
CA ALA A 114 -15.97 5.46 1.35
C ALA A 114 -16.65 6.69 0.79
N GLY A 115 -17.66 7.17 1.48
CA GLY A 115 -18.51 8.26 1.00
C GLY A 115 -19.13 8.95 2.18
N VAL A 116 -19.34 10.27 2.09
CA VAL A 116 -20.15 10.92 3.11
C VAL A 116 -21.34 11.65 2.47
N GLY A 117 -22.36 11.92 3.28
CA GLY A 117 -23.54 12.64 2.83
C GLY A 117 -23.69 13.95 3.59
N TRP A 118 -24.44 14.88 2.99
CA TRP A 118 -24.91 16.06 3.67
C TRP A 118 -26.23 16.49 2.99
N PHE A 119 -27.32 16.45 3.76
CA PHE A 119 -28.65 16.77 3.23
C PHE A 119 -29.44 17.73 4.16
N GLY A 120 -28.69 18.60 4.82
CA GLY A 120 -29.25 19.60 5.73
C GLY A 120 -30.24 20.61 5.13
N GLY A 121 -30.13 20.94 3.84
CA GLY A 121 -30.82 22.10 3.34
C GLY A 121 -30.21 22.60 2.07
N PRO A 122 -30.68 23.74 1.60
CA PRO A 122 -30.25 24.33 0.35
C PRO A 122 -28.76 24.65 0.40
N LEU A 123 -28.13 24.71 -0.77
CA LEU A 123 -26.68 24.91 -0.86
C LEU A 123 -26.17 26.20 -0.09
N HIS A 124 -26.89 27.31 -0.18
CA HIS A 124 -26.43 28.54 0.50
C HIS A 124 -26.39 28.34 2.01
N THR A 125 -27.12 27.36 2.54
CA THR A 125 -27.08 27.09 3.99
C THR A 125 -25.93 26.14 4.40
N MET A 126 -25.14 25.66 3.44
CA MET A 126 -24.08 24.71 3.77
C MET A 126 -22.82 25.48 4.18
N LYS A 127 -22.20 25.11 5.31
CA LYS A 127 -21.02 25.87 5.77
C LYS A 127 -19.80 25.43 4.97
N PRO A 128 -18.85 26.36 4.72
CA PRO A 128 -17.64 25.94 4.00
C PRO A 128 -16.96 24.69 4.62
N ALA A 129 -16.94 24.59 5.95
CA ALA A 129 -16.24 23.46 6.58
C ALA A 129 -16.97 22.13 6.22
N GLU A 130 -18.29 22.18 6.08
CA GLU A 130 -19.07 21.01 5.67
C GLU A 130 -18.87 20.66 4.22
N TRP A 131 -18.71 21.69 3.38
CA TRP A 131 -18.36 21.54 1.97
C TRP A 131 -17.00 20.81 1.87
N ASP A 132 -15.98 21.36 2.55
CA ASP A 132 -14.65 20.79 2.59
C ASP A 132 -14.64 19.33 3.02
N ALA A 133 -15.39 18.98 4.06
CA ALA A 133 -15.38 17.59 4.62
C ALA A 133 -15.97 16.61 3.60
N LEU A 134 -17.01 17.06 2.90
CA LEU A 134 -17.71 16.22 1.92
C LEU A 134 -16.88 16.05 0.65
N ILE A 135 -16.33 17.13 0.13
CA ILE A 135 -15.56 17.05 -1.11
C ILE A 135 -14.21 16.28 -0.85
N ALA A 136 -13.63 16.45 0.34
CA ALA A 136 -12.35 15.84 0.68
C ALA A 136 -12.44 14.32 0.56
N VAL A 137 -13.53 13.75 1.08
CA VAL A 137 -13.73 12.33 1.03
C VAL A 137 -14.33 11.86 -0.30
N ASN A 138 -15.40 12.51 -0.77
CA ASN A 138 -16.08 11.99 -1.95
C ASN A 138 -15.33 12.22 -3.25
N LEU A 139 -14.50 13.25 -3.30
CA LEU A 139 -13.96 13.62 -4.61
C LEU A 139 -12.43 13.64 -4.60
N LYS A 140 -11.84 14.36 -3.65
CA LYS A 140 -10.40 14.40 -3.59
C LYS A 140 -9.74 13.05 -3.20
N ALA A 141 -10.27 12.34 -2.19
CA ALA A 141 -9.60 11.09 -1.75
C ALA A 141 -9.54 10.03 -2.89
N PRO A 142 -10.61 9.90 -3.71
CA PRO A 142 -10.44 8.87 -4.77
C PRO A 142 -9.31 9.27 -5.73
N TYR A 143 -9.11 10.57 -5.92
CA TYR A 143 -8.00 11.00 -6.76
C TYR A 143 -6.66 10.67 -6.02
N LEU A 144 -6.59 11.01 -4.74
CA LEU A 144 -5.34 10.75 -3.98
C LEU A 144 -4.98 9.24 -3.95
N LEU A 145 -5.98 8.40 -3.74
CA LEU A 145 -5.79 6.96 -3.71
C LEU A 145 -5.30 6.44 -5.08
N LEU A 146 -5.89 6.94 -6.16
CA LEU A 146 -5.50 6.50 -7.49
C LEU A 146 -4.04 6.96 -7.66
N ARG A 147 -3.74 8.18 -7.24
CA ARG A 147 -2.41 8.69 -7.37
C ARG A 147 -1.41 7.82 -6.58
N ALA A 148 -1.83 7.29 -5.42
CA ALA A 148 -0.94 6.50 -4.54
C ALA A 148 -0.75 5.07 -4.97
N PHE A 149 -1.75 4.46 -5.63
CA PHE A 149 -1.69 3.05 -6.07
C PHE A 149 -1.53 2.85 -7.59
N ALA A 150 -1.87 3.84 -8.39
CA ALA A 150 -1.80 3.58 -9.82
C ALA A 150 -0.36 3.37 -10.29
N PRO A 151 0.62 4.15 -9.77
CA PRO A 151 2.03 3.97 -10.28
C PRO A 151 2.50 2.52 -10.14
N ALA A 152 2.07 1.84 -9.07
CA ALA A 152 2.44 0.44 -8.92
C ALA A 152 1.71 -0.43 -9.93
N MET A 153 0.43 -0.13 -10.20
CA MET A 153 -0.35 -0.90 -11.17
C MET A 153 0.20 -0.74 -12.55
N ILE A 154 0.66 0.47 -12.87
CA ILE A 154 1.26 0.77 -14.18
C ILE A 154 2.55 -0.08 -14.39
N ALA A 155 3.42 -0.06 -13.37
CA ALA A 155 4.72 -0.77 -13.42
C ALA A 155 4.43 -2.26 -13.59
N ALA A 156 3.37 -2.79 -12.97
CA ALA A 156 3.03 -4.21 -13.15
C ALA A 156 2.14 -4.47 -14.39
N LYS A 157 1.73 -3.41 -15.11
CA LYS A 157 0.77 -3.56 -16.22
C LYS A 157 -0.47 -4.41 -15.92
N ARG A 158 -1.09 -4.16 -14.79
CA ARG A 158 -2.30 -4.83 -14.39
C ARG A 158 -2.92 -4.14 -13.21
N GLY A 159 -4.21 -4.35 -13.00
CA GLY A 159 -4.93 -3.84 -11.82
C GLY A 159 -6.29 -3.21 -12.20
N HIS A 160 -7.20 -3.22 -11.23
CA HIS A 160 -8.49 -2.60 -11.31
C HIS A 160 -8.60 -1.47 -10.31
N ILE A 161 -9.14 -0.32 -10.74
CA ILE A 161 -9.63 0.72 -9.82
C ILE A 161 -11.13 0.83 -10.05
N ILE A 162 -11.89 0.46 -9.00
CA ILE A 162 -13.35 0.35 -9.08
C ILE A 162 -14.02 1.38 -8.14
N ASN A 163 -14.90 2.22 -8.69
CA ASN A 163 -15.49 3.31 -7.95
C ASN A 163 -17.00 3.10 -7.73
N ILE A 164 -17.45 3.12 -6.47
CA ILE A 164 -18.85 3.04 -6.17
C ILE A 164 -19.49 4.44 -6.19
N SER A 165 -20.36 4.74 -7.17
CA SER A 165 -20.92 6.07 -7.30
C SER A 165 -22.38 5.97 -7.03
N SER A 166 -22.93 6.77 -6.13
CA SER A 166 -24.36 6.54 -5.76
C SER A 166 -25.33 7.35 -6.63
N LEU A 167 -24.80 8.07 -7.61
CA LEU A 167 -25.60 8.86 -8.57
C LEU A 167 -25.02 8.71 -10.00
N ALA A 168 -25.88 8.53 -10.99
CA ALA A 168 -25.37 8.32 -12.38
C ALA A 168 -25.14 9.57 -13.28
N GLY A 169 -25.08 10.77 -12.72
CA GLY A 169 -24.76 12.01 -13.50
C GLY A 169 -26.00 12.60 -14.21
N LYS A 170 -27.16 12.10 -13.80
CA LYS A 170 -28.42 12.35 -14.45
C LYS A 170 -29.33 13.32 -13.66
N ASN A 171 -29.77 12.88 -12.47
CA ASN A 171 -30.72 13.68 -11.66
C ASN A 171 -30.06 14.38 -10.45
N PRO A 172 -30.26 15.70 -10.33
CA PRO A 172 -29.83 16.48 -9.16
C PRO A 172 -30.60 16.07 -7.92
N VAL A 173 -30.00 16.25 -6.76
CA VAL A 173 -30.67 16.02 -5.51
C VAL A 173 -30.83 17.43 -4.90
N ALA A 174 -32.05 18.01 -4.96
CA ALA A 174 -32.34 19.24 -4.15
C ALA A 174 -32.01 19.01 -2.65
N ASP A 175 -31.27 19.94 -2.06
CA ASP A 175 -30.85 19.83 -0.67
C ASP A 175 -29.67 18.88 -0.47
N GLY A 176 -29.12 18.42 -1.59
CA GLY A 176 -27.91 17.64 -1.60
C GLY A 176 -27.03 18.10 -2.73
N ALA A 177 -26.90 19.41 -2.86
CA ALA A 177 -26.21 19.98 -4.02
C ALA A 177 -24.72 19.63 -4.04
N ALA A 178 -24.00 19.79 -2.91
CA ALA A 178 -22.55 19.50 -2.86
C ALA A 178 -22.37 17.99 -3.09
N TYR A 179 -23.29 17.22 -2.50
CA TYR A 179 -23.25 15.79 -2.63
C TYR A 179 -23.32 15.39 -4.11
N THR A 180 -24.34 15.90 -4.81
CA THR A 180 -24.49 15.71 -6.24
C THR A 180 -23.25 16.16 -6.98
N ALA A 181 -22.70 17.35 -6.69
CA ALA A 181 -21.50 17.80 -7.37
C ALA A 181 -20.39 16.76 -7.19
N SER A 182 -20.30 16.13 -6.01
CA SER A 182 -19.16 15.26 -5.76
C SER A 182 -19.28 13.95 -6.58
N LYS A 183 -20.51 13.44 -6.75
CA LYS A 183 -20.72 12.23 -7.53
C LYS A 183 -20.60 12.45 -9.02
N TRP A 184 -21.19 13.51 -9.55
CA TRP A 184 -21.00 13.77 -10.98
C TRP A 184 -19.53 14.09 -11.22
N GLY A 185 -18.89 14.79 -10.29
CA GLY A 185 -17.47 15.09 -10.40
C GLY A 185 -16.65 13.78 -10.40
N LEU A 186 -17.02 12.83 -9.53
CA LEU A 186 -16.32 11.53 -9.45
C LEU A 186 -16.41 10.80 -10.80
N ASN A 187 -17.64 10.74 -11.31
CA ASN A 187 -17.87 10.18 -12.62
C ASN A 187 -16.95 10.78 -13.68
N GLY A 188 -16.78 12.11 -13.71
CA GLY A 188 -16.00 12.74 -14.78
C GLY A 188 -14.50 12.49 -14.56
N LEU A 189 -14.09 12.54 -13.31
CA LEU A 189 -12.76 12.22 -12.85
C LEU A 189 -12.34 10.82 -13.33
N MET A 190 -13.17 9.82 -13.08
CA MET A 190 -12.75 8.45 -13.25
C MET A 190 -12.94 8.01 -14.70
N THR A 191 -13.91 8.62 -15.40
CA THR A 191 -14.07 8.43 -16.84
C THR A 191 -12.86 8.96 -17.55
N SER A 192 -12.37 10.12 -17.14
CA SER A 192 -11.15 10.63 -17.75
C SER A 192 -9.91 9.74 -17.43
N ALA A 193 -9.80 9.31 -16.17
CA ALA A 193 -8.61 8.55 -15.77
C ALA A 193 -8.62 7.20 -16.50
N ALA A 194 -9.81 6.68 -16.81
CA ALA A 194 -9.93 5.42 -17.56
C ALA A 194 -9.25 5.52 -18.95
N GLU A 195 -9.41 6.65 -19.64
CA GLU A 195 -8.73 6.84 -20.92
C GLU A 195 -7.24 6.97 -20.75
N GLU A 196 -6.78 7.47 -19.61
CA GLU A 196 -5.35 7.66 -19.39
C GLU A 196 -4.67 6.35 -19.08
N LEU A 197 -5.32 5.48 -18.32
CA LEU A 197 -4.62 4.32 -17.75
C LEU A 197 -4.69 3.07 -18.62
N ARG A 198 -5.67 3.04 -19.52
CA ARG A 198 -5.92 1.86 -20.30
C ARG A 198 -4.67 1.49 -21.13
N GLN A 199 -3.88 2.46 -21.61
CA GLN A 199 -2.66 2.18 -22.35
C GLN A 199 -1.63 1.39 -21.50
N HIS A 200 -1.77 1.44 -20.17
CA HIS A 200 -0.86 0.67 -19.28
C HIS A 200 -1.54 -0.61 -18.76
N GLN A 201 -2.63 -0.99 -19.43
CA GLN A 201 -3.42 -2.17 -19.06
C GLN A 201 -3.99 -2.10 -17.66
N VAL A 202 -4.27 -0.89 -17.19
CA VAL A 202 -4.92 -0.76 -15.89
C VAL A 202 -6.34 -0.33 -16.19
N ARG A 203 -7.30 -0.89 -15.46
CA ARG A 203 -8.71 -0.67 -15.72
C ARG A 203 -9.53 0.09 -14.63
N VAL A 204 -10.03 1.28 -14.97
CA VAL A 204 -10.85 2.10 -14.03
C VAL A 204 -12.33 1.90 -14.39
N SER A 205 -13.17 1.50 -13.45
CA SER A 205 -14.55 1.28 -13.82
C SER A 205 -15.42 1.99 -12.79
N LEU A 206 -16.72 2.08 -13.06
CA LEU A 206 -17.70 2.81 -12.24
C LEU A 206 -18.86 1.87 -12.00
N VAL A 207 -19.34 1.81 -10.76
CA VAL A 207 -20.57 1.08 -10.48
C VAL A 207 -21.54 2.13 -9.96
N ALA A 208 -22.75 2.16 -10.54
CA ALA A 208 -23.74 3.18 -10.22
C ALA A 208 -25.21 2.70 -10.32
N PRO A 209 -26.16 3.42 -9.68
CA PRO A 209 -27.57 2.94 -9.86
C PRO A 209 -28.15 3.25 -11.26
N GLY A 210 -28.97 2.38 -11.79
CA GLY A 210 -29.49 2.60 -13.11
C GLY A 210 -30.91 3.08 -13.12
N SER A 211 -31.38 3.52 -11.98
CA SER A 211 -32.76 3.93 -11.85
C SER A 211 -32.94 5.18 -11.01
N VAL A 212 -34.07 5.84 -11.20
CA VAL A 212 -34.40 6.99 -10.40
C VAL A 212 -33.52 8.18 -10.75
N ALA A 229 -32.08 1.08 -2.37
CA ALA A 229 -32.95 -0.04 -2.64
C ALA A 229 -32.13 -1.27 -3.12
N ILE A 230 -30.80 -1.17 -3.12
CA ILE A 230 -29.95 -2.26 -3.64
C ILE A 230 -29.30 -3.03 -2.50
N GLU A 231 -29.48 -4.34 -2.51
CA GLU A 231 -28.82 -5.20 -1.54
C GLU A 231 -27.27 -5.08 -1.69
N PRO A 232 -26.56 -4.75 -0.58
CA PRO A 232 -25.07 -4.70 -0.63
C PRO A 232 -24.39 -5.84 -1.38
N ASP A 233 -24.89 -7.07 -1.25
CA ASP A 233 -24.28 -8.23 -1.92
C ASP A 233 -24.31 -8.14 -3.44
N ASP A 234 -25.31 -7.43 -3.97
CA ASP A 234 -25.45 -7.28 -5.42
C ASP A 234 -24.32 -6.37 -5.91
N ILE A 235 -24.05 -5.31 -5.14
CA ILE A 235 -22.93 -4.47 -5.50
C ILE A 235 -21.62 -5.27 -5.30
N ALA A 236 -21.49 -5.98 -4.18
CA ALA A 236 -20.35 -6.86 -4.00
C ALA A 236 -20.15 -7.81 -5.20
N ASP A 237 -21.26 -8.39 -5.71
CA ASP A 237 -21.19 -9.30 -6.87
C ASP A 237 -20.71 -8.63 -8.13
N VAL A 238 -21.14 -7.39 -8.32
CA VAL A 238 -20.67 -6.62 -9.45
C VAL A 238 -19.16 -6.36 -9.37
N VAL A 239 -18.68 -5.95 -8.19
CA VAL A 239 -17.25 -5.68 -7.97
C VAL A 239 -16.45 -6.97 -8.24
N ALA A 240 -16.94 -8.11 -7.74
CA ALA A 240 -16.32 -9.44 -8.00
C ALA A 240 -16.25 -9.77 -9.51
N LEU A 241 -17.37 -9.56 -10.21
CA LEU A 241 -17.38 -9.61 -11.68
C LEU A 241 -16.35 -8.68 -12.29
N LEU A 242 -16.21 -7.44 -11.78
CA LEU A 242 -15.21 -6.55 -12.41
C LEU A 242 -13.79 -7.05 -12.17
N ALA A 243 -13.51 -7.44 -10.93
CA ALA A 243 -12.16 -7.86 -10.53
C ALA A 243 -11.72 -9.19 -11.17
N THR A 244 -12.67 -9.98 -11.68
CA THR A 244 -12.28 -11.26 -12.30
C THR A 244 -12.44 -11.31 -13.84
N GLN A 245 -12.62 -10.20 -14.53
CA GLN A 245 -12.66 -10.20 -16.00
C GLN A 245 -11.47 -10.86 -16.71
N ALA A 246 -11.70 -11.43 -17.90
CA ALA A 246 -10.62 -11.77 -18.86
C ALA A 246 -9.67 -10.59 -19.04
N ASP A 247 -8.39 -10.86 -19.24
CA ASP A 247 -7.36 -9.84 -19.41
C ASP A 247 -7.71 -8.67 -20.36
N GLN A 248 -8.36 -9.01 -21.48
CA GLN A 248 -8.54 -8.11 -22.61
C GLN A 248 -9.81 -7.26 -22.43
N SER A 249 -10.70 -7.82 -21.61
CA SER A 249 -12.05 -7.30 -21.42
C SER A 249 -11.95 -6.01 -20.61
N PHE A 250 -12.68 -4.98 -21.05
CA PHE A 250 -12.73 -3.73 -20.30
C PHE A 250 -14.13 -3.19 -20.10
N ILE A 251 -14.87 -3.74 -19.16
CA ILE A 251 -16.15 -3.14 -18.75
C ILE A 251 -15.86 -1.83 -18.00
N SER A 252 -16.35 -0.70 -18.51
CA SER A 252 -16.07 0.59 -17.90
C SER A 252 -17.15 1.06 -16.94
N GLU A 253 -18.37 0.57 -17.11
CA GLU A 253 -19.44 1.03 -16.21
C GLU A 253 -20.53 0.00 -16.08
N VAL A 254 -21.04 -0.24 -14.88
CA VAL A 254 -22.17 -1.15 -14.68
C VAL A 254 -23.26 -0.36 -13.95
N LEU A 255 -24.49 -0.36 -14.47
CA LEU A 255 -25.61 0.29 -13.77
C LEU A 255 -26.50 -0.77 -13.18
N VAL A 256 -26.88 -0.57 -11.93
CA VAL A 256 -27.61 -1.61 -11.20
C VAL A 256 -28.94 -1.02 -10.75
N ARG A 257 -30.01 -1.78 -10.91
CA ARG A 257 -31.33 -1.37 -10.50
C ARG A 257 -31.72 -2.15 -9.26
N PRO A 258 -32.63 -1.60 -8.42
CA PRO A 258 -33.06 -2.24 -7.16
C PRO A 258 -33.33 -3.72 -7.30
N THR A 259 -32.70 -4.50 -6.42
CA THR A 259 -32.98 -5.93 -6.17
C THR A 259 -34.47 -6.26 -6.36
N LEU A 260 -34.75 -7.37 -7.04
CA LEU A 260 -36.12 -7.78 -7.32
C LEU A 260 -36.85 -8.37 -6.10
N LYS A 261 -38.19 -8.28 -6.10
CA LYS A 261 -39.04 -8.79 -5.02
C LYS A 261 -40.04 -9.82 -5.53
N SER B 25 24.38 9.39 -22.16
CA SER B 25 25.06 9.50 -20.87
C SER B 25 24.88 8.26 -20.01
N SER B 26 25.79 8.08 -19.07
CA SER B 26 25.78 6.92 -18.21
C SER B 26 24.49 6.72 -17.46
N LEU B 27 23.90 7.81 -16.97
CA LEU B 27 22.67 7.66 -16.21
C LEU B 27 21.44 8.28 -16.85
N SER B 28 21.41 8.35 -18.17
CA SER B 28 20.26 8.93 -18.89
C SER B 28 18.98 8.13 -18.68
N GLY B 29 17.85 8.82 -18.60
CA GLY B 29 16.58 8.17 -18.30
C GLY B 29 16.44 7.72 -16.84
N GLN B 30 17.47 7.89 -16.01
CA GLN B 30 17.36 7.48 -14.60
C GLN B 30 16.90 8.62 -13.69
N VAL B 31 16.36 8.23 -12.52
CA VAL B 31 15.97 9.17 -11.45
C VAL B 31 16.86 8.95 -10.22
N ALA B 32 17.44 10.03 -9.69
CA ALA B 32 18.25 10.00 -8.50
C ALA B 32 17.64 10.93 -7.48
N VAL B 33 17.39 10.44 -6.27
CA VAL B 33 16.89 11.30 -5.18
C VAL B 33 18.09 11.57 -4.26
N VAL B 34 18.35 12.84 -3.96
CA VAL B 34 19.45 13.20 -3.09
C VAL B 34 18.94 14.05 -1.90
N THR B 35 19.03 13.53 -0.67
CA THR B 35 18.59 14.34 0.46
C THR B 35 19.72 15.24 0.94
N GLY B 36 19.35 16.31 1.66
CA GLY B 36 20.36 17.29 2.12
C GLY B 36 21.14 17.88 0.94
N ALA B 37 20.44 18.17 -0.15
CA ALA B 37 21.09 18.54 -1.41
C ALA B 37 21.46 20.05 -1.57
N SER B 38 21.21 20.87 -0.55
CA SER B 38 21.40 22.32 -0.66
C SER B 38 22.83 22.83 -0.66
N ARG B 39 23.75 22.07 -0.06
CA ARG B 39 25.15 22.47 0.07
C ARG B 39 26.11 21.31 0.29
N GLY B 40 27.41 21.58 0.25
CA GLY B 40 28.45 20.60 0.54
C GLY B 40 28.33 19.33 -0.26
N ILE B 41 28.38 18.21 0.46
CA ILE B 41 28.43 16.88 -0.13
C ILE B 41 27.17 16.62 -0.96
N GLY B 42 26.00 16.95 -0.40
CA GLY B 42 24.74 16.74 -1.14
C GLY B 42 24.69 17.50 -2.49
N ALA B 43 24.98 18.82 -2.44
CA ALA B 43 25.05 19.67 -3.63
C ALA B 43 25.99 19.06 -4.65
N ALA B 44 27.19 18.67 -4.20
CA ALA B 44 28.17 18.10 -5.12
C ALA B 44 27.66 16.78 -5.66
N ILE B 45 27.03 15.93 -4.82
CA ILE B 45 26.47 14.67 -5.36
C ILE B 45 25.42 14.96 -6.46
N ALA B 46 24.51 15.89 -6.15
CA ALA B 46 23.50 16.27 -7.13
C ALA B 46 24.12 16.75 -8.46
N ARG B 47 25.08 17.68 -8.40
CA ARG B 47 25.78 18.15 -9.66
C ARG B 47 26.40 17.00 -10.39
N LYS B 48 27.00 16.10 -9.63
CA LYS B 48 27.70 15.01 -10.26
C LYS B 48 26.73 14.07 -11.00
N LEU B 49 25.69 13.60 -10.29
CA LEU B 49 24.70 12.72 -10.91
C LEU B 49 23.97 13.42 -12.05
N GLY B 50 23.67 14.71 -11.89
CA GLY B 50 23.01 15.49 -12.97
C GLY B 50 23.88 15.50 -14.24
N SER B 51 25.19 15.73 -14.05
CA SER B 51 26.11 15.82 -15.18
C SER B 51 26.22 14.50 -15.92
N LEU B 52 25.78 13.39 -15.33
CA LEU B 52 25.86 12.08 -15.99
C LEU B 52 24.51 11.73 -16.62
N GLY B 53 23.57 12.70 -16.55
CA GLY B 53 22.26 12.54 -17.15
C GLY B 53 21.10 12.04 -16.32
N ALA B 54 21.27 11.82 -15.00
CA ALA B 54 20.11 11.44 -14.18
C ALA B 54 19.20 12.63 -14.02
N ARG B 55 17.90 12.40 -13.97
CA ARG B 55 17.05 13.46 -13.45
C ARG B 55 17.21 13.52 -11.92
N VAL B 56 17.73 14.62 -11.41
CA VAL B 56 18.04 14.69 -9.99
C VAL B 56 16.91 15.29 -9.20
N VAL B 57 16.34 14.52 -8.26
CA VAL B 57 15.29 15.04 -7.40
C VAL B 57 15.91 15.52 -6.08
N LEU B 58 16.01 16.84 -5.91
CA LEU B 58 16.73 17.46 -4.80
C LEU B 58 15.78 17.68 -3.64
N THR B 59 16.24 17.39 -2.44
CA THR B 59 15.40 17.63 -1.30
C THR B 59 16.17 18.23 -0.15
N ALA B 60 15.51 19.11 0.58
CA ALA B 60 16.06 19.79 1.73
C ALA B 60 14.91 20.43 2.44
N ARG B 61 15.14 20.93 3.63
CA ARG B 61 14.10 21.61 4.37
C ARG B 61 13.63 22.90 3.76
N ASP B 62 14.56 23.67 3.21
CA ASP B 62 14.21 24.94 2.60
C ASP B 62 14.43 24.94 1.10
N VAL B 63 13.36 25.19 0.38
CA VAL B 63 13.38 25.18 -1.06
C VAL B 63 14.30 26.20 -1.69
N GLU B 64 14.41 27.38 -1.11
CA GLU B 64 15.24 28.41 -1.69
C GLU B 64 16.71 28.05 -1.79
N LYS B 65 17.22 27.36 -0.80
CA LYS B 65 18.60 26.92 -0.83
C LYS B 65 18.83 25.97 -2.00
N LEU B 66 17.82 25.17 -2.29
CA LEU B 66 17.90 24.15 -3.32
C LEU B 66 17.99 24.73 -4.71
N ARG B 67 17.40 25.90 -4.90
CA ARG B 67 17.25 26.40 -6.27
C ARG B 67 18.55 26.81 -6.91
N ALA B 68 19.44 27.40 -6.14
CA ALA B 68 20.81 27.59 -6.63
C ALA B 68 21.32 26.29 -7.29
N VAL B 69 21.30 25.19 -6.52
CA VAL B 69 21.81 23.90 -7.01
C VAL B 69 21.05 23.41 -8.22
N GLU B 70 19.72 23.54 -8.19
CA GLU B 70 18.90 23.09 -9.32
C GLU B 70 19.28 23.87 -10.58
N ARG B 71 19.47 25.18 -10.42
CA ARG B 71 19.81 26.07 -11.53
C ARG B 71 21.16 25.70 -12.14
N GLU B 72 22.12 25.30 -11.30
CA GLU B 72 23.45 24.93 -11.81
C GLU B 72 23.40 23.67 -12.67
N ILE B 73 22.57 22.72 -12.26
CA ILE B 73 22.43 21.48 -13.03
C ILE B 73 21.76 21.71 -14.38
N VAL B 74 20.66 22.50 -14.38
CA VAL B 74 19.96 22.81 -15.63
C VAL B 74 20.89 23.56 -16.59
N ALA B 75 21.57 24.57 -16.05
CA ALA B 75 22.54 25.36 -16.80
C ALA B 75 23.70 24.54 -17.41
N ALA B 76 24.01 23.40 -16.82
CA ALA B 76 25.09 22.59 -17.40
C ALA B 76 24.50 21.62 -18.40
N GLY B 77 23.18 21.69 -18.63
CA GLY B 77 22.52 20.82 -19.60
C GLY B 77 21.77 19.61 -19.04
N GLY B 78 21.52 19.56 -17.72
CA GLY B 78 20.77 18.41 -17.13
C GLY B 78 19.36 18.69 -16.67
N GLU B 79 18.74 17.76 -15.95
CA GLU B 79 17.40 17.97 -15.35
C GLU B 79 17.40 17.82 -13.82
N ALA B 80 16.69 18.71 -13.13
CA ALA B 80 16.59 18.66 -11.68
C ALA B 80 15.26 19.23 -11.27
N GLU B 81 14.78 18.87 -10.08
CA GLU B 81 13.56 19.50 -9.51
C GLU B 81 13.82 19.56 -8.00
N SER B 82 13.11 20.42 -7.28
CA SER B 82 13.35 20.69 -5.86
C SER B 82 12.11 20.44 -5.03
N HIS B 83 12.28 19.91 -3.81
CA HIS B 83 11.14 19.62 -2.94
C HIS B 83 11.49 19.89 -1.50
N ALA B 84 10.69 20.67 -0.80
CA ALA B 84 10.86 20.79 0.63
C ALA B 84 10.33 19.46 1.20
N CYS B 85 10.99 18.91 2.20
CA CYS B 85 10.46 17.76 2.89
C CYS B 85 11.10 17.76 4.24
N ASP B 86 10.31 17.86 5.31
CA ASP B 86 10.86 17.70 6.64
C ASP B 86 11.09 16.19 7.02
N LEU B 87 12.35 15.78 7.00
CA LEU B 87 12.69 14.37 7.25
C LEU B 87 12.37 13.85 8.64
N SER B 88 12.08 14.75 9.57
CA SER B 88 11.63 14.29 10.87
C SER B 88 10.16 13.89 10.92
N HIS B 89 9.41 13.97 9.84
CA HIS B 89 8.01 13.54 9.87
C HIS B 89 7.80 12.38 8.92
N SER B 90 7.26 11.29 9.43
CA SER B 90 7.06 10.12 8.60
C SER B 90 6.11 10.31 7.45
N ASP B 91 5.00 10.97 7.68
CA ASP B 91 4.02 11.19 6.65
C ASP B 91 4.56 12.02 5.51
N ALA B 92 5.35 13.02 5.84
CA ALA B 92 5.90 13.89 4.86
C ALA B 92 6.82 13.07 3.94
N ILE B 93 7.53 12.10 4.53
CA ILE B 93 8.44 11.27 3.73
C ILE B 93 7.64 10.36 2.82
N ALA B 94 6.56 9.78 3.32
CA ALA B 94 5.71 8.93 2.46
C ALA B 94 5.07 9.78 1.31
N ALA B 95 4.67 11.01 1.65
CA ALA B 95 4.04 11.90 0.65
C ALA B 95 5.08 12.29 -0.43
N PHE B 96 6.28 12.68 -0.01
CA PHE B 96 7.40 12.96 -0.93
C PHE B 96 7.70 11.78 -1.90
N ALA B 97 7.78 10.56 -1.37
CA ALA B 97 8.09 9.42 -2.24
C ALA B 97 6.93 9.11 -3.20
N THR B 98 5.71 9.17 -2.68
CA THR B 98 4.52 8.95 -3.47
C THR B 98 4.53 9.92 -4.66
N GLY B 99 4.91 11.19 -4.40
CA GLY B 99 5.03 12.23 -5.45
C GLY B 99 6.07 11.91 -6.52
N VAL B 100 7.25 11.46 -6.08
CA VAL B 100 8.28 11.08 -7.04
C VAL B 100 7.90 9.89 -7.91
N LEU B 101 7.32 8.86 -7.32
CA LEU B 101 6.99 7.68 -8.10
C LEU B 101 5.81 7.95 -9.06
N ALA B 102 4.83 8.77 -8.61
CA ALA B 102 3.71 9.15 -9.44
C ALA B 102 4.19 9.97 -10.64
N ALA B 103 5.18 10.84 -10.44
CA ALA B 103 5.62 11.74 -11.52
C ALA B 103 6.52 11.00 -12.50
N HIS B 104 7.34 10.07 -12.01
CA HIS B 104 8.34 9.47 -12.91
C HIS B 104 8.30 7.97 -13.02
N GLY B 105 7.48 7.32 -12.20
CA GLY B 105 7.40 5.86 -12.24
C GLY B 105 8.66 5.08 -11.84
N ARG B 106 9.66 5.73 -11.22
CA ARG B 106 10.91 4.98 -10.94
C ARG B 106 11.84 5.78 -10.04
N CYS B 107 12.66 5.07 -9.26
CA CYS B 107 13.75 5.67 -8.52
C CYS B 107 14.95 4.73 -8.65
N ASP B 108 15.97 5.16 -9.38
CA ASP B 108 17.14 4.32 -9.63
C ASP B 108 18.23 4.43 -8.56
N VAL B 109 18.40 5.64 -8.03
CA VAL B 109 19.40 5.95 -7.04
C VAL B 109 18.72 6.77 -5.94
N LEU B 110 18.89 6.32 -4.69
CA LEU B 110 18.42 7.05 -3.51
C LEU B 110 19.68 7.34 -2.68
N VAL B 111 19.99 8.60 -2.43
CA VAL B 111 21.16 8.94 -1.69
C VAL B 111 20.81 9.51 -0.34
N ASN B 112 21.00 8.73 0.72
CA ASN B 112 20.78 9.23 2.07
C ASN B 112 21.98 10.08 2.51
N ASN B 113 21.84 11.40 2.42
CA ASN B 113 22.93 12.31 2.73
C ASN B 113 22.58 13.33 3.81
N ALA B 114 21.31 13.71 3.95
CA ALA B 114 20.91 14.74 4.94
C ALA B 114 21.30 14.27 6.33
N GLY B 115 21.86 15.17 7.15
CA GLY B 115 22.23 14.82 8.52
C GLY B 115 22.31 16.02 9.44
N VAL B 116 22.13 15.82 10.74
CA VAL B 116 22.34 16.93 11.66
C VAL B 116 23.45 16.60 12.65
N GLY B 117 24.06 17.62 13.23
CA GLY B 117 25.07 17.42 14.27
C GLY B 117 24.54 17.94 15.59
N TRP B 118 25.18 17.54 16.69
CA TRP B 118 25.00 18.13 18.02
C TRP B 118 26.29 17.81 18.77
N PHE B 119 27.02 18.84 19.15
CA PHE B 119 28.27 18.67 19.88
C PHE B 119 28.39 19.59 21.08
N GLY B 120 27.24 19.93 21.64
CA GLY B 120 27.10 20.87 22.76
C GLY B 120 27.80 20.50 24.07
N GLY B 121 28.08 19.22 24.31
CA GLY B 121 28.56 18.77 25.61
C GLY B 121 28.37 17.27 25.83
N PRO B 122 28.53 16.82 27.09
CA PRO B 122 28.44 15.41 27.41
C PRO B 122 27.00 14.90 27.27
N LEU B 123 26.89 13.59 26.98
CA LEU B 123 25.61 12.93 26.74
C LEU B 123 24.56 13.23 27.84
N HIS B 124 24.99 13.29 29.09
CA HIS B 124 24.04 13.52 30.18
C HIS B 124 23.48 14.96 30.15
N THR B 125 24.18 15.90 29.52
CA THR B 125 23.64 17.25 29.41
C THR B 125 22.77 17.41 28.16
N MET B 126 22.55 16.35 27.37
CA MET B 126 21.73 16.48 26.16
C MET B 126 20.25 16.29 26.49
N LYS B 127 19.42 17.18 25.99
CA LYS B 127 17.98 17.09 26.28
C LYS B 127 17.22 16.13 25.36
N PRO B 128 16.16 15.50 25.90
CA PRO B 128 15.41 14.52 25.07
C PRO B 128 14.97 15.06 23.71
N ALA B 129 14.51 16.32 23.64
CA ALA B 129 14.07 16.92 22.37
C ALA B 129 15.24 17.02 21.39
N GLU B 130 16.45 17.32 21.90
CA GLU B 130 17.62 17.36 21.02
C GLU B 130 18.00 15.94 20.53
N TRP B 131 17.87 14.97 21.43
CA TRP B 131 18.08 13.59 21.08
C TRP B 131 17.11 13.18 19.95
N ASP B 132 15.82 13.40 20.17
CA ASP B 132 14.78 13.09 19.18
C ASP B 132 15.06 13.69 17.80
N ALA B 133 15.46 14.97 17.78
CA ALA B 133 15.67 15.66 16.48
C ALA B 133 16.88 15.10 15.76
N LEU B 134 17.91 14.68 16.48
CA LEU B 134 19.11 14.13 15.83
C LEU B 134 18.83 12.72 15.28
N ILE B 135 18.22 11.87 16.12
CA ILE B 135 17.89 10.50 15.76
C ILE B 135 16.88 10.41 14.58
N ALA B 136 15.86 11.26 14.64
CA ALA B 136 14.82 11.33 13.63
C ALA B 136 15.40 11.50 12.20
N VAL B 137 16.38 12.41 12.05
CA VAL B 137 16.97 12.69 10.73
C VAL B 137 18.11 11.73 10.41
N ASN B 138 19.03 11.53 11.34
CA ASN B 138 20.21 10.71 11.12
C ASN B 138 19.96 9.19 11.00
N LEU B 139 18.92 8.67 11.66
CA LEU B 139 18.74 7.23 11.79
C LEU B 139 17.37 6.75 11.33
N LYS B 140 16.30 7.38 11.83
CA LYS B 140 14.97 6.93 11.41
C LYS B 140 14.66 7.32 9.92
N ALA B 141 15.02 8.54 9.50
CA ALA B 141 14.63 8.97 8.12
C ALA B 141 15.23 8.05 7.06
N PRO B 142 16.53 7.66 7.18
CA PRO B 142 17.08 6.74 6.14
C PRO B 142 16.32 5.44 6.04
N TYR B 143 15.83 4.95 7.17
CA TYR B 143 14.98 3.76 7.22
C TYR B 143 13.64 4.05 6.47
N LEU B 144 13.01 5.19 6.80
CA LEU B 144 11.69 5.54 6.23
C LEU B 144 11.77 5.72 4.69
N LEU B 145 12.88 6.27 4.23
CA LEU B 145 13.13 6.54 2.83
C LEU B 145 13.37 5.21 2.09
N LEU B 146 14.19 4.34 2.69
CA LEU B 146 14.35 2.97 2.15
C LEU B 146 13.00 2.26 2.12
N ARG B 147 12.21 2.39 3.16
CA ARG B 147 10.90 1.76 3.19
C ARG B 147 9.96 2.32 2.10
N ALA B 148 10.13 3.60 1.79
CA ALA B 148 9.25 4.27 0.82
C ALA B 148 9.68 4.01 -0.62
N PHE B 149 10.98 3.85 -0.87
CA PHE B 149 11.46 3.62 -2.22
C PHE B 149 11.84 2.19 -2.59
N ALA B 150 12.16 1.36 -1.59
CA ALA B 150 12.67 0.03 -1.92
C ALA B 150 11.62 -0.83 -2.66
N PRO B 151 10.33 -0.72 -2.28
CA PRO B 151 9.31 -1.57 -2.97
C PRO B 151 9.34 -1.40 -4.51
N ALA B 152 9.45 -0.15 -4.96
CA ALA B 152 9.57 0.11 -6.37
C ALA B 152 10.85 -0.48 -6.98
N MET B 153 11.97 -0.38 -6.26
CA MET B 153 13.26 -0.92 -6.72
C MET B 153 13.18 -2.43 -6.81
N ILE B 154 12.53 -3.04 -5.82
CA ILE B 154 12.35 -4.48 -5.80
C ILE B 154 11.56 -4.93 -7.02
N ALA B 155 10.44 -4.24 -7.28
CA ALA B 155 9.53 -4.60 -8.42
C ALA B 155 10.30 -4.44 -9.70
N ALA B 156 11.15 -3.42 -9.78
CA ALA B 156 11.90 -3.20 -11.01
C ALA B 156 13.17 -4.10 -11.10
N LYS B 157 13.47 -4.85 -10.04
CA LYS B 157 14.72 -5.62 -9.97
C LYS B 157 16.00 -4.82 -10.28
N ARG B 158 16.08 -3.59 -9.80
CA ARG B 158 17.31 -2.81 -9.93
C ARG B 158 17.27 -1.56 -9.03
N GLY B 159 18.40 -0.88 -8.83
CA GLY B 159 18.42 0.27 -7.96
C GLY B 159 19.62 0.30 -7.01
N HIS B 160 20.07 1.51 -6.66
CA HIS B 160 21.06 1.76 -5.63
C HIS B 160 20.48 2.60 -4.50
N ILE B 161 20.70 2.16 -3.27
CA ILE B 161 20.51 2.97 -2.07
C ILE B 161 21.90 3.22 -1.45
N ILE B 162 22.35 4.47 -1.48
CA ILE B 162 23.71 4.84 -1.17
C ILE B 162 23.68 5.76 0.02
N ASN B 163 24.37 5.36 1.09
CA ASN B 163 24.28 6.03 2.36
C ASN B 163 25.60 6.75 2.73
N ILE B 164 25.53 8.06 2.99
CA ILE B 164 26.71 8.81 3.33
C ILE B 164 26.86 8.81 4.83
N SER B 165 27.95 8.19 5.28
CA SER B 165 28.18 8.07 6.72
C SER B 165 29.45 8.82 7.12
N SER B 166 29.34 9.82 7.97
CA SER B 166 30.59 10.52 8.42
C SER B 166 31.47 9.70 9.40
N LEU B 167 31.02 8.51 9.79
CA LEU B 167 31.76 7.68 10.75
C LEU B 167 31.78 6.18 10.36
N ALA B 168 32.98 5.60 10.37
CA ALA B 168 33.20 4.24 9.89
C ALA B 168 32.89 3.19 10.99
N GLY B 169 32.55 3.65 12.20
CA GLY B 169 32.12 2.76 13.29
C GLY B 169 33.22 2.22 14.18
N LYS B 170 34.35 2.90 14.21
CA LYS B 170 35.51 2.52 15.00
C LYS B 170 35.85 3.42 16.19
N ASN B 171 35.86 4.73 15.95
CA ASN B 171 36.31 5.74 16.93
C ASN B 171 35.19 6.69 17.43
N PRO B 172 34.79 6.53 18.68
CA PRO B 172 33.72 7.36 19.28
C PRO B 172 34.16 8.81 19.44
N VAL B 173 33.20 9.73 19.43
CA VAL B 173 33.45 11.15 19.49
C VAL B 173 32.95 11.69 20.85
N ALA B 174 33.87 12.06 21.74
CA ALA B 174 33.51 12.68 23.04
C ALA B 174 32.73 13.97 22.78
N ASP B 175 31.67 14.16 23.55
CA ASP B 175 30.74 15.28 23.31
C ASP B 175 29.99 15.22 21.98
N GLY B 176 29.93 14.03 21.38
CA GLY B 176 29.15 13.75 20.18
C GLY B 176 28.53 12.35 20.25
N ALA B 177 28.05 12.00 21.45
CA ALA B 177 27.70 10.63 21.75
C ALA B 177 26.49 10.20 20.91
N ALA B 178 25.46 11.02 20.92
CA ALA B 178 24.25 10.68 20.19
C ALA B 178 24.53 10.70 18.67
N TYR B 179 25.34 11.64 18.22
CA TYR B 179 25.74 11.71 16.82
C TYR B 179 26.48 10.40 16.40
N THR B 180 27.41 9.94 17.25
CA THR B 180 28.15 8.73 17.00
C THR B 180 27.16 7.56 16.95
N ALA B 181 26.27 7.47 17.94
CA ALA B 181 25.25 6.41 17.95
C ALA B 181 24.48 6.40 16.62
N SER B 182 24.19 7.58 16.09
CA SER B 182 23.28 7.65 14.92
C SER B 182 24.03 7.15 13.71
N LYS B 183 25.34 7.41 13.66
CA LYS B 183 26.16 6.93 12.54
C LYS B 183 26.55 5.45 12.61
N TRP B 184 26.88 4.94 13.80
CA TRP B 184 27.18 3.52 13.90
C TRP B 184 25.89 2.78 13.65
N GLY B 185 24.78 3.32 14.17
CA GLY B 185 23.46 2.77 13.91
C GLY B 185 23.19 2.69 12.39
N LEU B 186 23.42 3.80 11.70
CA LEU B 186 23.16 3.87 10.25
C LEU B 186 23.94 2.75 9.57
N ASN B 187 25.24 2.59 9.92
CA ASN B 187 26.08 1.52 9.32
C ASN B 187 25.46 0.12 9.52
N GLY B 188 24.99 -0.14 10.73
CA GLY B 188 24.38 -1.42 10.99
C GLY B 188 23.05 -1.63 10.32
N LEU B 189 22.23 -0.57 10.31
CA LEU B 189 20.93 -0.63 9.68
C LEU B 189 21.08 -1.01 8.18
N MET B 190 22.00 -0.32 7.50
CA MET B 190 22.08 -0.38 6.05
C MET B 190 22.85 -1.62 5.54
N THR B 191 23.88 -2.02 6.26
CA THR B 191 24.55 -3.27 5.92
C THR B 191 23.65 -4.47 6.25
N SER B 192 22.78 -4.42 7.26
CA SER B 192 21.77 -5.50 7.37
C SER B 192 20.78 -5.43 6.17
N ALA B 193 20.24 -4.24 5.88
CA ALA B 193 19.28 -4.09 4.78
C ALA B 193 19.90 -4.53 3.45
N ALA B 194 21.21 -4.31 3.28
CA ALA B 194 21.90 -4.73 2.06
C ALA B 194 21.73 -6.21 1.78
N GLU B 195 21.79 -7.00 2.83
CA GLU B 195 21.66 -8.42 2.70
C GLU B 195 20.25 -8.86 2.38
N GLU B 196 19.25 -8.16 2.91
CA GLU B 196 17.86 -8.46 2.56
C GLU B 196 17.54 -8.12 1.09
N LEU B 197 18.10 -7.04 0.56
CA LEU B 197 17.66 -6.51 -0.75
C LEU B 197 18.42 -7.07 -1.95
N ARG B 198 19.61 -7.59 -1.67
CA ARG B 198 20.47 -8.32 -2.59
C ARG B 198 19.71 -9.38 -3.37
N GLN B 199 18.83 -10.15 -2.69
CA GLN B 199 18.06 -11.19 -3.38
C GLN B 199 17.10 -10.59 -4.44
N HIS B 200 16.80 -9.29 -4.36
CA HIS B 200 15.99 -8.66 -5.38
C HIS B 200 16.80 -7.81 -6.35
N GLN B 201 18.13 -7.97 -6.40
CA GLN B 201 18.99 -7.23 -7.35
C GLN B 201 19.00 -5.74 -7.03
N VAL B 202 18.78 -5.42 -5.77
CA VAL B 202 18.85 -4.02 -5.34
C VAL B 202 20.08 -3.88 -4.42
N ARG B 203 20.87 -2.83 -4.59
CA ARG B 203 22.18 -2.75 -3.94
C ARG B 203 22.24 -1.61 -2.93
N VAL B 204 22.37 -1.97 -1.66
CA VAL B 204 22.50 -0.97 -0.61
C VAL B 204 23.99 -0.82 -0.29
N SER B 205 24.50 0.41 -0.21
CA SER B 205 25.90 0.58 0.07
C SER B 205 26.14 1.71 1.04
N LEU B 206 27.34 1.71 1.58
CA LEU B 206 27.79 2.68 2.55
C LEU B 206 29.09 3.39 2.15
N VAL B 207 29.15 4.70 2.32
CA VAL B 207 30.34 5.46 2.00
C VAL B 207 30.76 6.12 3.30
N ALA B 208 32.00 5.83 3.72
CA ALA B 208 32.51 6.21 5.02
C ALA B 208 33.97 6.64 4.92
N PRO B 209 34.43 7.49 5.81
CA PRO B 209 35.82 7.90 5.76
C PRO B 209 36.75 6.85 6.31
N GLY B 210 37.92 6.65 5.73
CA GLY B 210 38.88 5.74 6.29
C GLY B 210 39.90 6.40 7.20
N SER B 211 39.54 6.80 8.41
CA SER B 211 40.50 7.51 9.28
C SER B 211 41.76 6.75 9.69
N VAL B 212 42.88 7.46 9.70
CA VAL B 212 44.19 6.90 10.07
C VAL B 212 44.58 7.42 11.42
N ARG B 213 45.52 6.72 12.04
CA ARG B 213 45.97 7.10 13.39
C ARG B 213 46.82 8.35 13.41
N ALA B 229 37.87 16.87 6.09
CA ALA B 229 39.12 16.91 5.32
C ALA B 229 38.88 16.44 3.87
N ILE B 230 37.82 15.65 3.66
CA ILE B 230 37.48 15.16 2.32
C ILE B 230 36.66 16.21 1.56
N GLU B 231 37.05 16.47 0.33
CA GLU B 231 36.33 17.43 -0.47
C GLU B 231 35.03 16.86 -1.03
N PRO B 232 33.94 17.60 -0.87
CA PRO B 232 32.65 17.18 -1.43
C PRO B 232 32.81 16.43 -2.76
N ASP B 233 33.70 16.90 -3.63
CA ASP B 233 33.82 16.31 -4.96
C ASP B 233 34.39 14.90 -4.92
N ASP B 234 35.09 14.58 -3.83
CA ASP B 234 35.71 13.27 -3.68
C ASP B 234 34.54 12.30 -3.36
N ILE B 235 33.66 12.69 -2.42
CA ILE B 235 32.45 11.93 -2.16
C ILE B 235 31.53 11.78 -3.42
N ALA B 236 31.21 12.89 -4.08
CA ALA B 236 30.36 12.85 -5.26
C ALA B 236 30.91 11.85 -6.27
N ASP B 237 32.23 11.83 -6.43
CA ASP B 237 32.86 10.89 -7.34
C ASP B 237 32.63 9.42 -6.95
N VAL B 238 32.79 9.13 -5.67
CA VAL B 238 32.59 7.81 -5.18
C VAL B 238 31.12 7.39 -5.41
N VAL B 239 30.17 8.27 -5.07
CA VAL B 239 28.76 7.99 -5.33
C VAL B 239 28.47 7.73 -6.81
N ALA B 240 29.08 8.53 -7.70
CA ALA B 240 28.94 8.29 -9.15
C ALA B 240 29.52 6.94 -9.53
N LEU B 241 30.69 6.59 -8.97
CA LEU B 241 31.25 5.24 -9.18
C LEU B 241 30.28 4.11 -8.80
N LEU B 242 29.69 4.18 -7.61
CA LEU B 242 28.72 3.20 -7.18
C LEU B 242 27.47 3.21 -8.06
N ALA B 243 26.96 4.41 -8.41
CA ALA B 243 25.72 4.47 -9.19
C ALA B 243 25.87 3.90 -10.59
N THR B 244 27.07 3.95 -11.15
CA THR B 244 27.23 3.52 -12.56
C THR B 244 27.86 2.12 -12.68
N GLN B 245 28.08 1.43 -11.56
CA GLN B 245 28.60 0.05 -11.53
C GLN B 245 27.93 -0.90 -12.53
N ALA B 246 28.71 -1.83 -13.07
CA ALA B 246 28.17 -2.89 -13.90
C ALA B 246 27.36 -3.85 -13.03
N ASP B 247 26.53 -4.67 -13.66
CA ASP B 247 25.63 -5.58 -12.97
C ASP B 247 26.37 -6.61 -12.16
N GLN B 248 27.58 -6.94 -12.56
CA GLN B 248 28.23 -8.05 -11.88
C GLN B 248 29.00 -7.68 -10.60
N SER B 249 29.06 -6.40 -10.24
CA SER B 249 29.73 -6.07 -8.98
C SER B 249 28.75 -5.58 -7.92
N PHE B 250 28.94 -6.08 -6.70
CA PHE B 250 28.25 -5.54 -5.56
C PHE B 250 29.18 -5.03 -4.42
N ILE B 251 29.57 -3.77 -4.52
CA ILE B 251 30.26 -3.08 -3.44
C ILE B 251 29.32 -2.68 -2.30
N SER B 252 29.43 -3.30 -1.14
CA SER B 252 28.55 -2.97 -0.02
C SER B 252 29.10 -1.80 0.79
N GLU B 253 30.41 -1.56 0.70
CA GLU B 253 30.98 -0.46 1.44
C GLU B 253 32.27 0.08 0.81
N VAL B 254 32.49 1.39 0.91
CA VAL B 254 33.68 2.02 0.40
C VAL B 254 34.21 2.92 1.51
N LEU B 255 35.51 2.82 1.83
CA LEU B 255 36.18 3.77 2.70
C LEU B 255 36.97 4.76 1.85
N VAL B 256 36.87 6.04 2.18
CA VAL B 256 37.47 7.05 1.34
C VAL B 256 38.46 7.90 2.15
N ARG B 257 39.50 8.35 1.47
CA ARG B 257 40.49 9.20 2.09
C ARG B 257 40.60 10.44 1.23
N PRO B 258 41.02 11.55 1.80
CA PRO B 258 41.17 12.77 0.95
C PRO B 258 42.31 12.65 -0.12
N THR B 259 42.13 13.25 -1.32
CA THR B 259 43.21 13.32 -2.35
C THR B 259 44.17 14.50 -2.05
N LEU B 260 45.42 14.34 -2.46
CA LEU B 260 46.47 15.32 -2.24
C LEU B 260 46.42 16.34 -3.35
N SER C 25 31.98 -7.70 52.27
CA SER C 25 31.36 -7.76 50.90
C SER C 25 31.84 -6.63 49.96
N SER C 26 32.45 -7.03 48.86
CA SER C 26 32.88 -6.15 47.76
C SER C 26 31.99 -4.93 47.51
N LEU C 27 30.66 -5.13 47.46
CA LEU C 27 29.72 -4.06 47.11
C LEU C 27 28.80 -3.59 48.22
N SER C 28 29.08 -4.00 49.46
CA SER C 28 28.31 -3.53 50.64
C SER C 28 28.15 -2.03 50.67
N GLY C 29 26.95 -1.56 50.96
CA GLY C 29 26.68 -0.14 51.04
C GLY C 29 26.28 0.43 49.71
N GLN C 30 26.34 -0.37 48.65
CA GLN C 30 26.12 0.18 47.30
C GLN C 30 24.75 -0.12 46.74
N VAL C 31 24.31 0.78 45.85
CA VAL C 31 23.06 0.60 45.15
C VAL C 31 23.36 0.23 43.66
N ALA C 32 22.78 -0.91 43.23
CA ALA C 32 22.84 -1.35 41.84
C ALA C 32 21.44 -1.41 41.24
N VAL C 33 21.26 -0.72 40.09
CA VAL C 33 20.03 -0.79 39.29
C VAL C 33 20.23 -1.77 38.12
N VAL C 34 19.38 -2.78 37.99
CA VAL C 34 19.46 -3.69 36.86
C VAL C 34 18.15 -3.70 36.09
N THR C 35 18.20 -3.32 34.79
CA THR C 35 16.99 -3.28 34.00
C THR C 35 16.76 -4.64 33.36
N GLY C 36 15.48 -5.00 33.12
CA GLY C 36 15.06 -6.29 32.55
C GLY C 36 15.66 -7.42 33.39
N ALA C 37 15.35 -7.39 34.69
CA ALA C 37 16.06 -8.24 35.61
C ALA C 37 15.26 -9.48 35.92
N SER C 38 14.17 -9.70 35.20
CA SER C 38 13.25 -10.77 35.60
C SER C 38 13.74 -12.17 35.24
N ARG C 39 14.60 -12.28 34.25
CA ARG C 39 15.08 -13.57 33.77
C ARG C 39 16.39 -13.49 33.01
N GLY C 40 16.92 -14.65 32.62
CA GLY C 40 18.11 -14.74 31.81
C GLY C 40 19.30 -13.98 32.38
N ILE C 41 19.98 -13.23 31.51
CA ILE C 41 21.15 -12.45 31.88
C ILE C 41 20.83 -11.47 32.98
N GLY C 42 19.69 -10.78 32.87
CA GLY C 42 19.28 -9.74 33.83
C GLY C 42 19.23 -10.34 35.25
N ALA C 43 18.56 -11.48 35.39
CA ALA C 43 18.32 -12.09 36.70
C ALA C 43 19.65 -12.57 37.24
N ALA C 44 20.49 -13.12 36.37
CA ALA C 44 21.77 -13.61 36.84
C ALA C 44 22.65 -12.45 37.30
N ILE C 45 22.62 -11.34 36.57
CA ILE C 45 23.42 -10.18 36.98
C ILE C 45 22.94 -9.73 38.37
N ALA C 46 21.63 -9.62 38.54
CA ALA C 46 21.01 -9.20 39.78
C ALA C 46 21.40 -10.09 40.97
N ARG C 47 21.27 -11.42 40.83
CA ARG C 47 21.70 -12.32 41.90
C ARG C 47 23.15 -12.13 42.20
N LYS C 48 23.99 -12.08 41.15
CA LYS C 48 25.41 -11.90 41.40
C LYS C 48 25.71 -10.61 42.20
N LEU C 49 25.12 -9.49 41.80
CA LEU C 49 25.39 -8.23 42.50
C LEU C 49 24.85 -8.28 43.94
N GLY C 50 23.68 -8.89 44.13
CA GLY C 50 23.12 -9.13 45.46
C GLY C 50 24.08 -9.95 46.34
N SER C 51 24.66 -11.01 45.79
CA SER C 51 25.57 -11.82 46.58
C SER C 51 26.81 -11.07 46.99
N LEU C 52 27.17 -10.00 46.29
CA LEU C 52 28.37 -9.25 46.65
C LEU C 52 28.01 -8.13 47.61
N GLY C 53 26.71 -8.03 47.93
CA GLY C 53 26.27 -7.08 48.95
C GLY C 53 25.60 -5.81 48.50
N ALA C 54 25.39 -5.61 47.19
CA ALA C 54 24.73 -4.39 46.76
C ALA C 54 23.23 -4.46 46.99
N ARG C 55 22.56 -3.34 47.24
CA ARG C 55 21.11 -3.37 47.23
C ARG C 55 20.70 -3.34 45.75
N VAL C 56 19.92 -4.32 45.35
CA VAL C 56 19.58 -4.49 43.96
C VAL C 56 18.19 -3.95 43.69
N VAL C 57 18.15 -2.88 42.88
CA VAL C 57 16.91 -2.28 42.40
C VAL C 57 16.55 -2.93 41.04
N LEU C 58 15.51 -3.77 41.03
CA LEU C 58 15.14 -4.52 39.84
C LEU C 58 14.04 -3.79 39.09
N THR C 59 14.09 -3.75 37.77
CA THR C 59 12.94 -3.26 37.00
C THR C 59 12.58 -4.22 35.88
N ALA C 60 11.33 -4.16 35.45
CA ALA C 60 10.81 -4.96 34.34
C ALA C 60 9.45 -4.36 34.05
N ARG C 61 8.79 -4.83 33.00
CA ARG C 61 7.49 -4.29 32.66
C ARG C 61 6.42 -4.63 33.66
N ASP C 62 6.42 -5.88 34.08
CA ASP C 62 5.46 -6.28 35.08
C ASP C 62 6.17 -6.66 36.36
N VAL C 63 5.76 -6.05 37.45
CA VAL C 63 6.36 -6.26 38.75
C VAL C 63 6.23 -7.70 39.23
N GLU C 64 5.17 -8.38 38.84
CA GLU C 64 4.98 -9.76 39.27
C GLU C 64 6.11 -10.66 38.78
N LYS C 65 6.54 -10.44 37.55
CA LYS C 65 7.67 -11.18 36.93
C LYS C 65 8.98 -11.15 37.76
N LEU C 66 9.18 -10.09 38.55
CA LEU C 66 10.36 -9.90 39.41
C LEU C 66 10.30 -10.61 40.77
N ARG C 67 9.17 -11.19 41.14
CA ARG C 67 9.08 -11.81 42.46
C ARG C 67 10.06 -12.94 42.68
N ALA C 68 10.16 -13.83 41.73
CA ALA C 68 11.09 -14.93 41.86
C ALA C 68 12.52 -14.44 42.13
N VAL C 69 13.00 -13.48 41.32
CA VAL C 69 14.38 -13.03 41.44
C VAL C 69 14.62 -12.25 42.71
N GLU C 70 13.72 -11.34 43.06
CA GLU C 70 13.80 -10.65 44.34
C GLU C 70 13.84 -11.63 45.53
N ARG C 71 12.98 -12.62 45.51
CA ARG C 71 13.02 -13.68 46.51
C ARG C 71 14.38 -14.41 46.58
N GLU C 72 14.98 -14.74 45.43
CA GLU C 72 16.26 -15.44 45.46
C GLU C 72 17.37 -14.58 46.01
N ILE C 73 17.34 -13.28 45.74
CA ILE C 73 18.34 -12.40 46.33
C ILE C 73 18.21 -12.31 47.87
N VAL C 74 16.97 -12.18 48.35
CA VAL C 74 16.70 -11.98 49.78
C VAL C 74 17.01 -13.31 50.51
N ALA C 75 16.51 -14.42 49.95
CA ALA C 75 16.79 -15.74 50.41
C ALA C 75 18.29 -16.01 50.61
N ALA C 76 19.13 -15.50 49.71
CA ALA C 76 20.59 -15.76 49.78
C ALA C 76 21.21 -14.81 50.78
N GLY C 77 20.43 -13.86 51.29
CA GLY C 77 20.95 -12.99 52.34
C GLY C 77 21.23 -11.56 51.98
N GLY C 78 20.68 -11.08 50.84
CA GLY C 78 20.94 -9.74 50.36
C GLY C 78 19.66 -8.95 50.35
N GLU C 79 19.69 -7.81 49.68
CA GLU C 79 18.57 -6.89 49.60
C GLU C 79 18.18 -6.55 48.17
N ALA C 80 16.88 -6.48 47.93
CA ALA C 80 16.38 -6.21 46.61
C ALA C 80 15.00 -5.56 46.69
N GLU C 81 14.68 -4.70 45.72
CA GLU C 81 13.35 -4.10 45.63
C GLU C 81 12.95 -4.12 44.15
N SER C 82 11.66 -4.19 43.89
CA SER C 82 11.14 -4.36 42.55
C SER C 82 10.35 -3.15 42.11
N HIS C 83 10.48 -2.79 40.82
CA HIS C 83 9.73 -1.69 40.22
C HIS C 83 9.26 -2.02 38.77
N ALA C 84 8.04 -1.64 38.44
CA ALA C 84 7.52 -1.63 37.09
C ALA C 84 8.07 -0.36 36.47
N CYS C 85 8.67 -0.49 35.29
CA CYS C 85 9.05 0.71 34.54
C CYS C 85 8.90 0.41 33.08
N ASP C 86 8.12 1.20 32.36
CA ASP C 86 8.00 0.94 30.93
C ASP C 86 9.10 1.79 30.28
N LEU C 87 10.13 1.13 29.79
CA LEU C 87 11.31 1.85 29.28
C LEU C 87 11.05 2.65 28.01
N SER C 88 10.00 2.34 27.26
CA SER C 88 9.58 3.21 26.18
C SER C 88 9.02 4.58 26.61
N HIS C 89 8.67 4.79 27.86
CA HIS C 89 8.18 6.10 28.25
C HIS C 89 9.22 6.89 29.03
N SER C 90 9.52 8.08 28.57
CA SER C 90 10.52 8.92 29.21
C SER C 90 10.15 9.41 30.58
N ASP C 91 8.86 9.66 30.77
CA ASP C 91 8.35 10.15 32.04
C ASP C 91 8.51 9.06 33.08
N ALA C 92 8.23 7.83 32.67
CA ALA C 92 8.34 6.70 33.55
C ALA C 92 9.77 6.49 33.98
N ILE C 93 10.71 6.73 33.08
CA ILE C 93 12.12 6.58 33.40
C ILE C 93 12.59 7.64 34.36
N ALA C 94 12.11 8.86 34.19
CA ALA C 94 12.54 9.94 35.07
C ALA C 94 11.90 9.83 36.45
N ALA C 95 10.72 9.24 36.51
CA ALA C 95 10.04 9.08 37.77
C ALA C 95 10.78 8.03 38.56
N PHE C 96 11.01 6.90 37.90
CA PHE C 96 11.72 5.77 38.48
C PHE C 96 13.06 6.19 39.04
N ALA C 97 13.80 7.00 38.29
CA ALA C 97 15.13 7.42 38.75
C ALA C 97 15.06 8.39 39.93
N THR C 98 14.11 9.32 39.89
CA THR C 98 13.95 10.27 41.01
C THR C 98 13.61 9.55 42.30
N GLY C 99 12.61 8.65 42.23
CA GLY C 99 12.33 7.68 43.32
C GLY C 99 13.56 6.96 43.88
N VAL C 100 14.45 6.45 43.04
CA VAL C 100 15.60 5.68 43.55
C VAL C 100 16.52 6.64 44.33
N LEU C 101 16.70 7.84 43.79
CA LEU C 101 17.59 8.84 44.37
C LEU C 101 17.02 9.37 45.69
N ALA C 102 15.74 9.76 45.66
CA ALA C 102 14.97 10.10 46.87
C ALA C 102 15.17 9.03 47.96
N ALA C 103 14.97 7.75 47.64
CA ALA C 103 15.08 6.75 48.68
C ALA C 103 16.50 6.42 49.09
N HIS C 104 17.49 6.58 48.21
CA HIS C 104 18.81 6.02 48.62
C HIS C 104 20.00 6.94 48.52
N GLY C 105 19.84 8.05 47.83
CA GLY C 105 20.87 9.05 47.74
C GLY C 105 22.08 8.71 46.90
N ARG C 106 22.04 7.59 46.21
CA ARG C 106 23.16 7.21 45.37
C ARG C 106 22.75 6.11 44.44
N CYS C 107 23.41 6.00 43.30
CA CYS C 107 23.32 4.86 42.42
C CYS C 107 24.76 4.57 42.10
N ASP C 108 25.26 3.43 42.53
CA ASP C 108 26.63 3.11 42.24
C ASP C 108 26.84 2.39 40.93
N VAL C 109 25.93 1.47 40.63
CA VAL C 109 26.03 0.62 39.48
C VAL C 109 24.71 0.69 38.75
N LEU C 110 24.79 1.09 37.49
CA LEU C 110 23.61 1.08 36.65
C LEU C 110 23.93 0.05 35.54
N VAL C 111 23.06 -0.93 35.39
CA VAL C 111 23.28 -1.94 34.38
C VAL C 111 22.18 -1.85 33.34
N ASN C 112 22.53 -1.41 32.14
CA ASN C 112 21.57 -1.36 31.05
C ASN C 112 21.51 -2.73 30.41
N ASN C 113 20.47 -3.47 30.77
CA ASN C 113 20.32 -4.85 30.29
C ASN C 113 19.03 -5.11 29.50
N ALA C 114 17.94 -4.38 29.80
CA ALA C 114 16.64 -4.65 29.15
C ALA C 114 16.76 -4.44 27.66
N GLY C 115 16.12 -5.28 26.85
CA GLY C 115 16.23 -5.16 25.40
C GLY C 115 15.04 -5.82 24.75
N VAL C 116 14.68 -5.42 23.52
CA VAL C 116 13.64 -6.13 22.77
C VAL C 116 14.19 -6.53 21.39
N GLY C 117 13.50 -7.43 20.71
CA GLY C 117 13.99 -7.97 19.43
C GLY C 117 12.91 -7.73 18.38
N TRP C 118 13.26 -7.83 17.10
CA TRP C 118 12.25 -7.86 16.07
C TRP C 118 12.96 -8.50 14.92
N PHE C 119 12.48 -9.65 14.46
CA PHE C 119 13.13 -10.34 13.38
C PHE C 119 12.17 -10.83 12.32
N GLY C 120 11.08 -10.09 12.17
CA GLY C 120 9.97 -10.43 11.30
C GLY C 120 10.24 -10.47 9.82
N GLY C 121 11.25 -9.75 9.34
CA GLY C 121 11.45 -9.64 7.92
C GLY C 121 12.36 -8.50 7.52
N PRO C 122 12.43 -8.26 6.22
CA PRO C 122 13.31 -7.19 5.70
C PRO C 122 12.90 -5.84 6.31
N LEU C 123 13.86 -4.92 6.40
CA LEU C 123 13.64 -3.60 6.99
C LEU C 123 12.41 -2.89 6.38
N HIS C 124 12.23 -2.99 5.07
CA HIS C 124 11.13 -2.27 4.45
C HIS C 124 9.76 -2.77 4.89
N THR C 125 9.71 -3.92 5.53
CA THR C 125 8.44 -4.46 5.99
C THR C 125 8.19 -4.17 7.47
N MET C 126 9.10 -3.47 8.11
CA MET C 126 8.92 -3.11 9.50
C MET C 126 8.10 -1.80 9.59
N LYS C 127 7.05 -1.78 10.43
CA LYS C 127 6.21 -0.59 10.56
C LYS C 127 6.89 0.45 11.45
N PRO C 128 6.68 1.73 11.15
CA PRO C 128 7.13 2.80 12.05
C PRO C 128 6.91 2.57 13.55
N ALA C 129 5.75 2.05 13.96
CA ALA C 129 5.49 1.89 15.39
C ALA C 129 6.44 0.82 15.99
N GLU C 130 6.73 -0.20 15.19
CA GLU C 130 7.61 -1.31 15.56
C GLU C 130 9.06 -0.81 15.63
N TRP C 131 9.45 0.02 14.67
CA TRP C 131 10.72 0.73 14.74
C TRP C 131 10.81 1.53 16.05
N ASP C 132 9.78 2.33 16.36
CA ASP C 132 9.82 3.17 17.53
C ASP C 132 9.94 2.39 18.81
N ALA C 133 9.19 1.29 18.94
CA ALA C 133 9.15 0.55 20.20
C ALA C 133 10.59 -0.02 20.45
N LEU C 134 11.26 -0.49 19.40
CA LEU C 134 12.57 -1.11 19.52
C LEU C 134 13.65 -0.07 19.87
N ILE C 135 13.64 1.04 19.14
CA ILE C 135 14.65 2.05 19.35
C ILE C 135 14.46 2.68 20.74
N ALA C 136 13.21 2.86 21.16
CA ALA C 136 12.93 3.51 22.44
C ALA C 136 13.57 2.77 23.61
N VAL C 137 13.40 1.44 23.62
CA VAL C 137 13.96 0.54 24.65
C VAL C 137 15.48 0.27 24.48
N ASN C 138 15.91 -0.13 23.28
CA ASN C 138 17.30 -0.52 23.02
C ASN C 138 18.31 0.63 22.93
N LEU C 139 17.88 1.83 22.55
CA LEU C 139 18.86 2.86 22.32
C LEU C 139 18.56 4.11 23.12
N LYS C 140 17.32 4.54 23.12
CA LYS C 140 17.01 5.78 23.84
C LYS C 140 17.00 5.59 25.38
N ALA C 141 16.40 4.50 25.87
CA ALA C 141 16.33 4.27 27.32
C ALA C 141 17.72 4.25 28.01
N PRO C 142 18.71 3.53 27.43
CA PRO C 142 20.02 3.60 28.09
C PRO C 142 20.58 5.03 28.19
N TYR C 143 20.34 5.86 27.19
CA TYR C 143 20.67 7.30 27.26
C TYR C 143 19.89 7.99 28.37
N LEU C 144 18.58 7.80 28.43
CA LEU C 144 17.78 8.38 29.51
C LEU C 144 18.22 7.97 30.93
N LEU C 145 18.47 6.67 31.13
CA LEU C 145 18.94 6.19 32.42
C LEU C 145 20.29 6.84 32.76
N LEU C 146 21.22 6.94 31.79
CA LEU C 146 22.54 7.49 32.09
C LEU C 146 22.35 8.96 32.46
N ARG C 147 21.46 9.64 31.74
CA ARG C 147 21.16 11.04 32.00
C ARG C 147 20.62 11.28 33.43
N ALA C 148 19.76 10.37 33.89
CA ALA C 148 19.12 10.54 35.18
C ALA C 148 20.04 10.22 36.32
N PHE C 149 21.03 9.34 36.10
CA PHE C 149 21.87 8.89 37.20
C PHE C 149 23.29 9.44 37.14
N ALA C 150 23.76 9.87 35.98
CA ALA C 150 25.13 10.39 35.92
C ALA C 150 25.36 11.58 36.88
N PRO C 151 24.40 12.53 36.96
CA PRO C 151 24.67 13.63 37.91
C PRO C 151 25.09 13.20 39.33
N ALA C 152 24.36 12.29 39.98
CA ALA C 152 24.80 11.89 41.33
C ALA C 152 26.12 11.10 41.31
N MET C 153 26.38 10.34 40.25
CA MET C 153 27.66 9.64 40.14
C MET C 153 28.81 10.63 39.99
N ILE C 154 28.65 11.64 39.12
CA ILE C 154 29.64 12.74 39.00
C ILE C 154 29.89 13.44 40.34
N ALA C 155 28.81 13.87 41.01
CA ALA C 155 28.92 14.49 42.35
C ALA C 155 29.74 13.59 43.30
N ALA C 156 29.46 12.28 43.32
CA ALA C 156 30.16 11.38 44.24
C ALA C 156 31.57 10.99 43.71
N LYS C 157 31.95 11.46 42.52
CA LYS C 157 33.20 10.99 41.87
C LYS C 157 33.40 9.46 41.85
N ARG C 158 32.32 8.70 41.76
CA ARG C 158 32.39 7.26 41.52
C ARG C 158 31.11 6.72 40.85
N GLY C 159 31.17 5.49 40.35
CA GLY C 159 30.06 4.89 39.65
C GLY C 159 30.48 4.06 38.44
N HIS C 160 29.65 3.08 38.11
CA HIS C 160 29.81 2.26 36.92
C HIS C 160 28.48 2.24 36.21
N ILE C 161 28.55 2.47 34.88
CA ILE C 161 27.41 2.28 33.97
C ILE C 161 27.86 1.19 33.02
N ILE C 162 27.19 0.04 33.13
CA ILE C 162 27.58 -1.16 32.41
C ILE C 162 26.50 -1.55 31.42
N ASN C 163 26.88 -1.64 30.15
CA ASN C 163 25.94 -1.85 29.05
C ASN C 163 26.12 -3.22 28.43
N ILE C 164 25.02 -3.95 28.38
CA ILE C 164 24.99 -5.29 27.81
C ILE C 164 24.53 -5.24 26.34
N SER C 165 25.47 -5.48 25.44
CA SER C 165 25.23 -5.43 24.02
C SER C 165 25.36 -6.79 23.37
N SER C 166 24.30 -7.27 22.74
CA SER C 166 24.35 -8.58 22.07
C SER C 166 25.15 -8.59 20.75
N LEU C 167 25.59 -7.43 20.30
CA LEU C 167 26.35 -7.34 19.06
C LEU C 167 27.63 -6.52 19.26
N ALA C 168 28.73 -7.02 18.72
CA ALA C 168 30.01 -6.31 18.85
C ALA C 168 30.22 -5.25 17.73
N GLY C 169 29.27 -5.10 16.81
CA GLY C 169 29.34 -4.01 15.82
C GLY C 169 30.09 -4.39 14.55
N LYS C 170 30.25 -5.69 14.29
CA LYS C 170 30.98 -6.15 13.12
C LYS C 170 30.05 -6.85 12.11
N ASN C 171 29.12 -7.68 12.60
CA ASN C 171 28.29 -8.54 11.72
C ASN C 171 26.79 -8.21 11.70
N PRO C 172 26.34 -7.54 10.63
CA PRO C 172 24.91 -7.12 10.58
C PRO C 172 24.00 -8.35 10.55
N VAL C 173 22.75 -8.21 11.02
CA VAL C 173 21.81 -9.33 11.06
C VAL C 173 20.70 -9.10 10.00
N ALA C 174 20.65 -9.95 8.97
CA ALA C 174 19.56 -9.87 7.96
C ALA C 174 18.24 -10.19 8.66
N ASP C 175 17.21 -9.44 8.31
CA ASP C 175 15.91 -9.48 8.99
C ASP C 175 15.91 -9.01 10.39
N GLY C 176 17.00 -8.37 10.80
CA GLY C 176 17.07 -7.74 12.13
C GLY C 176 17.82 -6.42 12.02
N ALA C 177 17.50 -5.67 10.95
CA ALA C 177 18.20 -4.42 10.61
C ALA C 177 18.06 -3.34 11.69
N ALA C 178 16.83 -3.02 12.10
CA ALA C 178 16.68 -2.05 13.19
C ALA C 178 17.38 -2.55 14.50
N TYR C 179 17.25 -3.84 14.78
CA TYR C 179 17.85 -4.42 15.99
C TYR C 179 19.36 -4.22 15.91
N THR C 180 19.95 -4.56 14.77
CA THR C 180 21.40 -4.30 14.56
C THR C 180 21.76 -2.84 14.79
N ALA C 181 21.00 -1.94 14.16
CA ALA C 181 21.21 -0.50 14.29
C ALA C 181 21.20 -0.12 15.76
N SER C 182 20.24 -0.70 16.51
CA SER C 182 20.11 -0.31 17.93
C SER C 182 21.35 -0.76 18.75
N LYS C 183 21.99 -1.87 18.39
CA LYS C 183 23.14 -2.35 19.18
C LYS C 183 24.42 -1.68 18.76
N TRP C 184 24.63 -1.48 17.44
CA TRP C 184 25.84 -0.78 17.01
C TRP C 184 25.72 0.64 17.55
N GLY C 185 24.50 1.19 17.54
CA GLY C 185 24.25 2.52 18.08
C GLY C 185 24.58 2.60 19.57
N LEU C 186 24.15 1.60 20.34
CA LEU C 186 24.46 1.52 21.78
C LEU C 186 25.97 1.55 21.96
N ASN C 187 26.67 0.74 21.17
CA ASN C 187 28.12 0.71 21.22
C ASN C 187 28.72 2.11 21.04
N GLY C 188 28.30 2.85 20.01
CA GLY C 188 28.91 4.14 19.76
C GLY C 188 28.51 5.16 20.84
N LEU C 189 27.27 5.08 21.30
CA LEU C 189 26.76 5.96 22.32
C LEU C 189 27.59 5.88 23.63
N MET C 190 27.78 4.65 24.11
CA MET C 190 28.34 4.42 25.47
C MET C 190 29.88 4.53 25.48
N THR C 191 30.51 4.07 24.44
CA THR C 191 31.88 4.36 24.12
C THR C 191 32.20 5.89 24.07
N SER C 192 31.33 6.71 23.48
CA SER C 192 31.55 8.13 23.52
C SER C 192 31.35 8.67 24.94
N ALA C 193 30.28 8.22 25.58
CA ALA C 193 29.97 8.66 26.92
C ALA C 193 31.10 8.31 27.91
N ALA C 194 31.70 7.12 27.75
CA ALA C 194 32.83 6.70 28.60
C ALA C 194 33.92 7.78 28.57
N GLU C 195 34.18 8.31 27.39
CA GLU C 195 35.19 9.31 27.27
C GLU C 195 34.82 10.59 28.02
N GLU C 196 33.54 10.97 27.99
CA GLU C 196 33.08 12.16 28.68
C GLU C 196 33.14 12.00 30.19
N LEU C 197 32.74 10.84 30.72
CA LEU C 197 32.58 10.65 32.15
C LEU C 197 33.89 10.27 32.89
N ARG C 198 34.87 9.80 32.13
CA ARG C 198 36.17 9.42 32.67
C ARG C 198 36.77 10.52 33.54
N GLN C 199 36.66 11.77 33.09
CA GLN C 199 37.19 12.92 33.83
C GLN C 199 36.58 13.06 35.23
N HIS C 200 35.36 12.57 35.44
CA HIS C 200 34.74 12.61 36.74
C HIS C 200 34.88 11.30 37.50
N GLN C 201 35.78 10.43 37.08
CA GLN C 201 35.96 9.11 37.78
C GLN C 201 34.72 8.22 37.72
N VAL C 202 33.93 8.36 36.65
CA VAL C 202 32.76 7.53 36.43
C VAL C 202 33.11 6.61 35.27
N ARG C 203 32.83 5.31 35.44
CA ARG C 203 33.23 4.32 34.46
C ARG C 203 32.11 3.67 33.67
N VAL C 204 32.05 4.01 32.37
CA VAL C 204 31.07 3.47 31.47
C VAL C 204 31.72 2.32 30.70
N SER C 205 31.08 1.18 30.70
CA SER C 205 31.65 0.04 30.03
C SER C 205 30.66 -0.70 29.15
N LEU C 206 31.20 -1.48 28.24
CA LEU C 206 30.42 -2.24 27.31
C LEU C 206 30.73 -3.72 27.39
N VAL C 207 29.72 -4.57 27.42
CA VAL C 207 29.93 -6.01 27.45
C VAL C 207 29.31 -6.56 26.18
N ALA C 208 30.07 -7.31 25.41
CA ALA C 208 29.64 -7.81 24.12
C ALA C 208 30.24 -9.19 23.86
N PRO C 209 29.65 -9.94 22.96
CA PRO C 209 30.13 -11.26 22.56
C PRO C 209 31.30 -11.21 21.61
N GLY C 210 32.10 -12.25 21.56
CA GLY C 210 33.26 -12.28 20.69
C GLY C 210 33.22 -13.31 19.59
N SER C 211 32.08 -13.53 18.96
CA SER C 211 31.94 -14.59 17.96
C SER C 211 32.98 -14.69 16.84
N VAL C 212 33.30 -15.95 16.54
CA VAL C 212 34.25 -16.42 15.54
C VAL C 212 33.60 -16.89 14.24
N ARG C 213 34.39 -16.94 13.17
CA ARG C 213 33.94 -17.34 11.84
C ARG C 213 33.68 -18.84 11.77
N ALA C 226 19.95 -14.29 24.23
CA ALA C 226 20.72 -13.20 23.62
C ALA C 226 22.18 -13.48 23.93
N LEU C 227 23.09 -12.86 23.17
CA LEU C 227 24.52 -13.21 23.23
C LEU C 227 24.81 -14.70 22.94
N GLY C 228 24.03 -15.30 22.05
CA GLY C 228 24.20 -16.70 21.62
C GLY C 228 24.33 -17.77 22.72
N ALA C 229 25.36 -18.58 22.64
CA ALA C 229 25.47 -19.73 23.51
C ALA C 229 25.94 -19.33 24.89
N ILE C 230 26.05 -18.04 25.16
CA ILE C 230 26.71 -17.61 26.41
C ILE C 230 25.77 -17.76 27.58
N GLU C 231 26.30 -18.46 28.56
CA GLU C 231 25.63 -18.73 29.82
C GLU C 231 25.44 -17.41 30.63
N PRO C 232 24.20 -17.15 31.11
CA PRO C 232 23.92 -15.98 31.95
C PRO C 232 24.91 -15.72 33.06
N ASP C 233 25.38 -16.77 33.74
CA ASP C 233 26.41 -16.62 34.75
C ASP C 233 27.77 -16.12 34.22
N ASP C 234 28.08 -16.42 32.96
CA ASP C 234 29.36 -16.00 32.38
C ASP C 234 29.28 -14.45 32.35
N ILE C 235 28.19 -13.93 31.80
CA ILE C 235 27.98 -12.49 31.79
C ILE C 235 27.89 -11.84 33.20
N ALA C 236 27.15 -12.47 34.09
CA ALA C 236 26.99 -11.97 35.46
C ALA C 236 28.38 -11.83 36.11
N ASP C 237 29.25 -12.83 35.89
CA ASP C 237 30.59 -12.77 36.44
C ASP C 237 31.39 -11.60 35.89
N VAL C 238 31.25 -11.33 34.57
CA VAL C 238 32.01 -10.27 33.93
C VAL C 238 31.48 -8.94 34.44
N VAL C 239 30.17 -8.82 34.59
CA VAL C 239 29.62 -7.62 35.17
C VAL C 239 30.11 -7.37 36.62
N ALA C 240 30.22 -8.43 37.44
CA ALA C 240 30.68 -8.31 38.85
C ALA C 240 32.15 -7.83 38.86
N LEU C 241 32.94 -8.43 37.99
CA LEU C 241 34.30 -8.01 37.77
C LEU C 241 34.40 -6.54 37.37
N LEU C 242 33.56 -6.05 36.45
CA LEU C 242 33.59 -4.64 36.16
C LEU C 242 33.10 -3.81 37.35
N ALA C 243 32.02 -4.23 37.99
CA ALA C 243 31.47 -3.41 39.10
C ALA C 243 32.42 -3.26 40.29
N THR C 244 33.32 -4.20 40.51
CA THR C 244 34.08 -4.22 41.74
C THR C 244 35.53 -3.94 41.47
N GLN C 245 35.87 -3.25 40.40
CA GLN C 245 37.30 -3.16 40.11
C GLN C 245 38.01 -1.99 40.84
N ALA C 246 39.23 -2.28 41.34
CA ALA C 246 40.19 -1.27 41.90
C ALA C 246 40.37 -0.02 41.02
N ASP C 247 40.55 1.12 41.64
CA ASP C 247 40.63 2.37 40.92
C ASP C 247 41.69 2.48 39.84
N GLN C 248 42.76 1.72 39.96
CA GLN C 248 43.83 1.85 38.98
C GLN C 248 43.47 1.52 37.53
N SER C 249 42.45 0.71 37.31
CA SER C 249 42.14 0.28 35.94
C SER C 249 40.81 0.74 35.35
N PHE C 250 40.86 1.24 34.13
CA PHE C 250 39.63 1.57 33.45
C PHE C 250 39.44 0.74 32.19
N ILE C 251 38.46 -0.14 32.23
CA ILE C 251 38.17 -1.01 31.13
C ILE C 251 36.92 -0.50 30.47
N SER C 252 37.01 -0.15 29.20
CA SER C 252 35.84 0.40 28.52
C SER C 252 35.02 -0.66 27.78
N GLU C 253 35.68 -1.77 27.43
CA GLU C 253 34.99 -2.82 26.74
C GLU C 253 35.56 -4.21 27.00
N VAL C 254 34.66 -5.17 27.07
CA VAL C 254 34.99 -6.56 27.34
C VAL C 254 34.27 -7.44 26.31
N LEU C 255 35.00 -8.33 25.63
CA LEU C 255 34.34 -9.30 24.76
C LEU C 255 34.37 -10.66 25.44
N VAL C 256 33.25 -11.35 25.36
CA VAL C 256 33.08 -12.58 26.12
C VAL C 256 32.77 -13.73 25.17
N ARG C 257 33.21 -14.92 25.56
CA ARG C 257 32.95 -16.12 24.81
C ARG C 257 32.43 -17.14 25.79
N PRO C 258 31.60 -18.06 25.35
CA PRO C 258 31.07 -19.15 26.25
C PRO C 258 32.18 -20.03 26.84
N THR C 259 32.05 -20.46 28.11
CA THR C 259 32.95 -21.48 28.70
C THR C 259 32.48 -22.89 28.26
N LEU C 260 33.32 -23.91 28.51
CA LEU C 260 33.14 -25.32 28.09
C LEU C 260 33.12 -25.40 26.56
N SER D 25 -23.55 -26.99 -18.10
CA SER D 25 -23.17 -25.87 -17.18
C SER D 25 -24.37 -24.99 -16.72
N SER D 26 -24.09 -23.69 -16.56
CA SER D 26 -25.01 -22.69 -15.99
C SER D 26 -26.42 -22.63 -16.60
N LEU D 27 -26.50 -22.72 -17.93
CA LEU D 27 -27.78 -22.51 -18.61
C LEU D 27 -28.49 -23.78 -19.12
N SER D 28 -28.17 -24.95 -18.55
CA SER D 28 -28.73 -26.23 -19.02
C SER D 28 -30.24 -26.24 -19.06
N GLY D 29 -30.80 -26.70 -20.18
CA GLY D 29 -32.26 -26.75 -20.38
C GLY D 29 -32.95 -25.40 -20.59
N GLN D 30 -32.17 -24.35 -20.86
CA GLN D 30 -32.74 -23.06 -21.23
C GLN D 30 -32.72 -22.89 -22.75
N VAL D 31 -33.64 -22.07 -23.25
CA VAL D 31 -33.55 -21.65 -24.64
C VAL D 31 -33.16 -20.15 -24.76
N ALA D 32 -32.19 -19.89 -25.63
CA ALA D 32 -31.71 -18.57 -25.93
C ALA D 32 -31.96 -18.23 -27.40
N VAL D 33 -32.80 -17.23 -27.68
CA VAL D 33 -32.89 -16.67 -29.04
C VAL D 33 -31.78 -15.64 -29.26
N VAL D 34 -31.10 -15.72 -30.39
CA VAL D 34 -30.10 -14.72 -30.71
C VAL D 34 -30.31 -14.26 -32.17
N THR D 35 -30.66 -12.98 -32.38
CA THR D 35 -30.84 -12.42 -33.75
C THR D 35 -29.51 -11.98 -34.35
N GLY D 36 -29.45 -11.92 -35.69
CA GLY D 36 -28.22 -11.56 -36.42
C GLY D 36 -27.05 -12.43 -35.96
N ALA D 37 -27.32 -13.74 -35.85
CA ALA D 37 -26.37 -14.68 -35.20
C ALA D 37 -25.34 -15.37 -36.11
N SER D 38 -25.23 -14.91 -37.36
CA SER D 38 -24.41 -15.59 -38.35
C SER D 38 -22.93 -15.15 -38.35
N ARG D 39 -22.62 -14.01 -37.73
CA ARG D 39 -21.24 -13.59 -37.65
C ARG D 39 -21.03 -12.59 -36.51
N GLY D 40 -19.80 -12.07 -36.41
CA GLY D 40 -19.41 -11.09 -35.42
C GLY D 40 -19.96 -11.36 -34.03
N ILE D 41 -20.57 -10.31 -33.46
CA ILE D 41 -20.99 -10.29 -32.08
C ILE D 41 -22.04 -11.38 -31.87
N GLY D 42 -23.05 -11.38 -32.74
CA GLY D 42 -24.10 -12.40 -32.70
C GLY D 42 -23.56 -13.83 -32.72
N ALA D 43 -22.61 -14.10 -33.62
CA ALA D 43 -21.94 -15.41 -33.69
C ALA D 43 -21.31 -15.74 -32.34
N ALA D 44 -20.53 -14.80 -31.80
CA ALA D 44 -19.82 -15.07 -30.57
C ALA D 44 -20.81 -15.31 -29.43
N ILE D 45 -21.90 -14.55 -29.42
CA ILE D 45 -22.85 -14.66 -28.31
C ILE D 45 -23.50 -16.05 -28.39
N ALA D 46 -23.88 -16.43 -29.61
CA ALA D 46 -24.32 -17.82 -29.94
C ALA D 46 -23.39 -18.90 -29.34
N ARG D 47 -22.13 -18.88 -29.72
CA ARG D 47 -21.14 -19.87 -29.24
C ARG D 47 -21.04 -19.86 -27.74
N LYS D 48 -21.01 -18.65 -27.17
CA LYS D 48 -20.82 -18.52 -25.75
C LYS D 48 -22.02 -19.07 -24.97
N LEU D 49 -23.23 -18.74 -25.43
CA LEU D 49 -24.44 -19.26 -24.79
C LEU D 49 -24.63 -20.81 -24.93
N GLY D 50 -24.32 -21.35 -26.11
CA GLY D 50 -24.39 -22.79 -26.35
C GLY D 50 -23.43 -23.55 -25.44
N SER D 51 -22.21 -23.02 -25.31
CA SER D 51 -21.17 -23.63 -24.47
C SER D 51 -21.56 -23.62 -22.99
N LEU D 52 -22.61 -22.93 -22.62
CA LEU D 52 -23.03 -22.94 -21.23
C LEU D 52 -24.30 -23.78 -21.09
N GLY D 53 -24.67 -24.48 -22.17
CA GLY D 53 -25.74 -25.46 -22.11
C GLY D 53 -27.12 -25.03 -22.52
N ALA D 54 -27.23 -23.81 -23.03
CA ALA D 54 -28.52 -23.34 -23.53
C ALA D 54 -28.72 -23.80 -24.95
N ARG D 55 -29.96 -24.13 -25.29
CA ARG D 55 -30.30 -24.39 -26.68
C ARG D 55 -30.44 -23.04 -27.44
N VAL D 56 -29.55 -22.82 -28.40
CA VAL D 56 -29.42 -21.56 -29.10
C VAL D 56 -30.25 -21.49 -30.39
N VAL D 57 -31.41 -20.83 -30.36
CA VAL D 57 -32.17 -20.59 -31.58
C VAL D 57 -31.52 -19.43 -32.34
N LEU D 58 -30.96 -19.70 -33.51
CA LEU D 58 -30.25 -18.66 -34.26
C LEU D 58 -31.12 -18.07 -35.36
N THR D 59 -30.85 -16.81 -35.73
CA THR D 59 -31.65 -16.08 -36.73
C THR D 59 -30.79 -15.36 -37.73
N ALA D 60 -31.28 -15.25 -38.96
CA ALA D 60 -30.68 -14.39 -39.97
C ALA D 60 -31.61 -14.37 -41.18
N ARG D 61 -31.28 -13.55 -42.15
CA ARG D 61 -32.11 -13.43 -43.34
C ARG D 61 -32.12 -14.71 -44.10
N ASP D 62 -30.95 -15.34 -44.14
CA ASP D 62 -30.74 -16.54 -44.89
C ASP D 62 -30.19 -17.66 -43.99
N VAL D 63 -30.80 -18.84 -44.10
CA VAL D 63 -30.50 -19.97 -43.19
C VAL D 63 -29.12 -20.62 -43.47
N GLU D 64 -28.60 -20.41 -44.67
CA GLU D 64 -27.30 -20.94 -45.06
C GLU D 64 -26.14 -20.24 -44.34
N LYS D 65 -26.23 -18.93 -44.12
CA LYS D 65 -25.17 -18.22 -43.39
C LYS D 65 -25.05 -18.74 -41.94
N LEU D 66 -26.12 -19.37 -41.43
CA LEU D 66 -26.19 -19.86 -40.04
C LEU D 66 -25.52 -21.21 -39.76
N ARG D 67 -25.34 -22.02 -40.82
CA ARG D 67 -24.89 -23.40 -40.70
C ARG D 67 -23.52 -23.51 -40.01
N ALA D 68 -22.58 -22.67 -40.44
CA ALA D 68 -21.25 -22.62 -39.84
C ALA D 68 -21.31 -22.51 -38.29
N VAL D 69 -22.09 -21.54 -37.81
CA VAL D 69 -22.19 -21.28 -36.37
C VAL D 69 -22.92 -22.41 -35.63
N GLU D 70 -24.00 -22.91 -36.25
CA GLU D 70 -24.74 -24.07 -35.75
C GLU D 70 -23.83 -25.30 -35.65
N ARG D 71 -22.91 -25.45 -36.61
CA ARG D 71 -21.95 -26.54 -36.57
C ARG D 71 -21.02 -26.42 -35.39
N GLU D 72 -20.54 -25.20 -35.12
CA GLU D 72 -19.56 -25.02 -34.05
C GLU D 72 -20.18 -25.30 -32.70
N ILE D 73 -21.48 -25.03 -32.57
CA ILE D 73 -22.17 -25.23 -31.30
C ILE D 73 -22.34 -26.72 -31.00
N VAL D 74 -22.91 -27.46 -31.96
CA VAL D 74 -23.03 -28.94 -31.92
C VAL D 74 -21.65 -29.64 -31.74
N ALA D 75 -20.67 -29.20 -32.51
CA ALA D 75 -19.38 -29.83 -32.48
C ALA D 75 -18.88 -29.77 -31.07
N ALA D 76 -19.18 -28.70 -30.36
CA ALA D 76 -18.62 -28.56 -29.02
C ALA D 76 -19.61 -29.21 -28.04
N GLY D 77 -20.65 -29.83 -28.59
CA GLY D 77 -21.62 -30.60 -27.81
C GLY D 77 -22.79 -29.84 -27.19
N GLY D 78 -23.24 -28.78 -27.86
CA GLY D 78 -24.44 -28.03 -27.46
C GLY D 78 -25.51 -28.19 -28.52
N GLU D 79 -26.75 -27.79 -28.19
CA GLU D 79 -27.85 -27.82 -29.17
C GLU D 79 -28.11 -26.45 -29.81
N ALA D 80 -28.56 -26.46 -31.06
CA ALA D 80 -28.73 -25.24 -31.85
C ALA D 80 -29.64 -25.43 -33.09
N GLU D 81 -30.66 -24.62 -33.24
CA GLU D 81 -31.47 -24.66 -34.44
C GLU D 81 -31.35 -23.34 -35.24
N SER D 82 -31.61 -23.43 -36.54
CA SER D 82 -31.50 -22.27 -37.42
C SER D 82 -32.82 -21.86 -38.06
N HIS D 83 -33.23 -20.60 -37.90
CA HIS D 83 -34.41 -20.09 -38.63
C HIS D 83 -34.13 -18.82 -39.44
N ALA D 84 -34.61 -18.78 -40.68
CA ALA D 84 -34.66 -17.56 -41.47
C ALA D 84 -35.75 -16.65 -40.91
N CYS D 85 -35.36 -15.49 -40.41
CA CYS D 85 -36.37 -14.54 -39.93
C CYS D 85 -36.15 -13.19 -40.57
N ASP D 86 -37.12 -12.71 -41.31
CA ASP D 86 -37.00 -11.36 -41.85
C ASP D 86 -37.61 -10.34 -40.83
N LEU D 87 -36.73 -9.63 -40.14
CA LEU D 87 -37.09 -8.77 -39.01
C LEU D 87 -37.82 -7.52 -39.42
N SER D 88 -37.84 -7.23 -40.71
CA SER D 88 -38.62 -6.09 -41.18
C SER D 88 -40.13 -6.34 -41.29
N HIS D 89 -40.61 -7.52 -40.93
CA HIS D 89 -42.05 -7.77 -40.97
C HIS D 89 -42.59 -8.31 -39.67
N SER D 90 -43.69 -7.75 -39.20
CA SER D 90 -44.29 -8.21 -37.95
C SER D 90 -44.74 -9.64 -38.05
N ASP D 91 -45.49 -9.95 -39.11
CA ASP D 91 -45.99 -11.29 -39.31
C ASP D 91 -44.87 -12.29 -39.21
N ALA D 92 -43.76 -11.96 -39.84
CA ALA D 92 -42.61 -12.81 -39.84
C ALA D 92 -42.08 -13.05 -38.45
N ILE D 93 -42.01 -11.99 -37.66
CA ILE D 93 -41.51 -12.13 -36.31
C ILE D 93 -42.50 -12.92 -35.47
N ALA D 94 -43.77 -12.74 -35.74
CA ALA D 94 -44.81 -13.46 -35.02
C ALA D 94 -44.76 -14.94 -35.31
N ALA D 95 -44.69 -15.29 -36.59
CA ALA D 95 -44.61 -16.70 -36.99
C ALA D 95 -43.35 -17.32 -36.42
N PHE D 96 -42.26 -16.55 -36.38
CA PHE D 96 -41.03 -17.08 -35.89
C PHE D 96 -41.12 -17.41 -34.39
N ALA D 97 -41.69 -16.51 -33.61
CA ALA D 97 -41.77 -16.74 -32.16
C ALA D 97 -42.74 -17.87 -31.85
N THR D 98 -43.89 -17.84 -32.53
CA THR D 98 -44.86 -18.94 -32.42
C THR D 98 -44.21 -20.31 -32.54
N GLY D 99 -43.36 -20.48 -33.55
CA GLY D 99 -42.68 -21.75 -33.80
C GLY D 99 -41.82 -22.16 -32.63
N VAL D 100 -41.01 -21.21 -32.16
CA VAL D 100 -40.07 -21.44 -31.06
C VAL D 100 -40.83 -21.86 -29.80
N LEU D 101 -41.92 -21.17 -29.50
CA LEU D 101 -42.78 -21.49 -28.36
C LEU D 101 -43.50 -22.86 -28.50
N ALA D 102 -44.05 -23.15 -29.69
CA ALA D 102 -44.65 -24.47 -29.94
C ALA D 102 -43.60 -25.59 -29.77
N ALA D 103 -42.44 -25.40 -30.35
CA ALA D 103 -41.38 -26.38 -30.19
C ALA D 103 -40.85 -26.55 -28.77
N HIS D 104 -40.63 -25.47 -28.03
CA HIS D 104 -40.05 -25.60 -26.68
C HIS D 104 -40.83 -25.13 -25.46
N GLY D 105 -41.77 -24.23 -25.65
CA GLY D 105 -42.63 -23.77 -24.57
C GLY D 105 -42.08 -22.69 -23.67
N ARG D 106 -40.80 -22.39 -23.83
CA ARG D 106 -40.10 -21.29 -23.10
C ARG D 106 -39.03 -20.54 -23.92
N CYS D 107 -38.86 -19.25 -23.66
CA CYS D 107 -37.63 -18.53 -24.09
C CYS D 107 -37.02 -17.90 -22.86
N ASP D 108 -35.82 -18.34 -22.51
CA ASP D 108 -35.17 -17.86 -21.29
C ASP D 108 -34.35 -16.59 -21.54
N VAL D 109 -33.83 -16.49 -22.76
CA VAL D 109 -32.86 -15.46 -23.10
C VAL D 109 -33.11 -14.93 -24.52
N LEU D 110 -33.54 -13.67 -24.62
CA LEU D 110 -33.73 -13.07 -25.93
C LEU D 110 -32.61 -12.04 -26.10
N VAL D 111 -31.77 -12.23 -27.10
CA VAL D 111 -30.70 -11.28 -27.37
C VAL D 111 -31.02 -10.48 -28.64
N ASN D 112 -31.42 -9.20 -28.48
CA ASN D 112 -31.62 -8.34 -29.64
C ASN D 112 -30.27 -7.84 -30.12
N ASN D 113 -29.73 -8.51 -31.13
CA ASN D 113 -28.41 -8.18 -31.68
C ASN D 113 -28.42 -7.74 -33.16
N ALA D 114 -29.38 -8.17 -33.95
CA ALA D 114 -29.33 -7.81 -35.38
C ALA D 114 -29.51 -6.30 -35.54
N GLY D 115 -28.78 -5.66 -36.47
CA GLY D 115 -28.99 -4.28 -36.80
C GLY D 115 -28.57 -3.96 -38.22
N VAL D 116 -29.06 -2.87 -38.80
CA VAL D 116 -28.57 -2.38 -40.07
C VAL D 116 -27.97 -0.99 -39.88
N GLY D 117 -27.33 -0.51 -40.95
CA GLY D 117 -26.64 0.78 -40.94
C GLY D 117 -27.14 1.55 -42.12
N TRP D 118 -26.95 2.85 -42.11
CA TRP D 118 -27.10 3.68 -43.27
C TRP D 118 -26.24 4.87 -43.00
N PHE D 119 -25.31 5.15 -43.88
CA PHE D 119 -24.39 6.26 -43.69
C PHE D 119 -24.14 6.92 -45.05
N GLY D 120 -25.12 6.83 -45.91
CA GLY D 120 -25.08 7.35 -47.28
C GLY D 120 -24.96 8.85 -47.45
N GLY D 121 -25.23 9.65 -46.42
CA GLY D 121 -25.33 11.09 -46.60
C GLY D 121 -26.17 11.79 -45.54
N PRO D 122 -26.36 13.11 -45.68
CA PRO D 122 -27.15 13.86 -44.67
C PRO D 122 -28.62 13.43 -44.66
N LEU D 123 -29.35 13.65 -43.56
CA LEU D 123 -30.72 13.14 -43.39
C LEU D 123 -31.68 13.46 -44.58
N HIS D 124 -31.55 14.66 -45.13
CA HIS D 124 -32.49 15.13 -46.15
C HIS D 124 -32.35 14.37 -47.46
N THR D 125 -31.22 13.71 -47.65
CA THR D 125 -31.05 12.89 -48.83
C THR D 125 -31.46 11.45 -48.59
N MET D 126 -32.08 11.15 -47.45
CA MET D 126 -32.41 9.76 -47.14
C MET D 126 -33.84 9.48 -47.57
N LYS D 127 -34.04 8.43 -48.36
CA LYS D 127 -35.39 8.17 -48.89
C LYS D 127 -36.24 7.39 -47.89
N PRO D 128 -37.54 7.68 -47.88
CA PRO D 128 -38.48 7.01 -46.94
C PRO D 128 -38.35 5.49 -46.87
N ALA D 129 -38.02 4.86 -48.00
CA ALA D 129 -37.91 3.40 -48.02
C ALA D 129 -36.68 2.94 -47.22
N GLU D 130 -35.60 3.70 -47.31
CA GLU D 130 -34.38 3.45 -46.55
C GLU D 130 -34.56 3.69 -45.04
N TRP D 131 -35.22 4.82 -44.69
CA TRP D 131 -35.68 5.09 -43.33
C TRP D 131 -36.42 3.88 -42.76
N ASP D 132 -37.41 3.40 -43.53
CA ASP D 132 -38.26 2.33 -43.06
C ASP D 132 -37.47 1.04 -42.79
N ALA D 133 -36.55 0.74 -43.70
CA ALA D 133 -35.77 -0.51 -43.60
C ALA D 133 -34.91 -0.44 -42.33
N LEU D 134 -34.24 0.69 -42.15
CA LEU D 134 -33.40 0.87 -40.96
C LEU D 134 -34.18 0.85 -39.62
N ILE D 135 -35.27 1.60 -39.56
CA ILE D 135 -36.07 1.71 -38.32
C ILE D 135 -36.77 0.38 -38.03
N ALA D 136 -37.26 -0.28 -39.07
CA ALA D 136 -37.97 -1.54 -38.88
C ALA D 136 -37.08 -2.54 -38.16
N VAL D 137 -35.83 -2.61 -38.56
CA VAL D 137 -34.94 -3.59 -37.94
C VAL D 137 -34.38 -3.12 -36.62
N ASN D 138 -33.87 -1.90 -36.59
CA ASN D 138 -33.17 -1.39 -35.39
C ASN D 138 -34.09 -1.05 -34.21
N LEU D 139 -35.30 -0.62 -34.47
CA LEU D 139 -36.12 -0.06 -33.39
C LEU D 139 -37.40 -0.86 -33.25
N LYS D 140 -38.07 -1.12 -34.36
CA LYS D 140 -39.34 -1.84 -34.26
C LYS D 140 -39.17 -3.34 -33.94
N ALA D 141 -38.24 -4.04 -34.64
CA ALA D 141 -38.05 -5.48 -34.34
C ALA D 141 -37.79 -5.83 -32.85
N PRO D 142 -36.90 -5.06 -32.14
CA PRO D 142 -36.68 -5.43 -30.72
C PRO D 142 -37.98 -5.34 -29.90
N TYR D 143 -38.85 -4.39 -30.26
CA TYR D 143 -40.12 -4.27 -29.58
C TYR D 143 -41.00 -5.50 -29.90
N LEU D 144 -41.17 -5.79 -31.19
CA LEU D 144 -41.96 -6.96 -31.63
C LEU D 144 -41.46 -8.27 -30.98
N LEU D 145 -40.14 -8.48 -30.95
CA LEU D 145 -39.58 -9.68 -30.32
C LEU D 145 -39.94 -9.73 -28.82
N LEU D 146 -39.79 -8.60 -28.14
CA LEU D 146 -40.12 -8.51 -26.73
C LEU D 146 -41.60 -8.80 -26.54
N ARG D 147 -42.44 -8.23 -27.40
CA ARG D 147 -43.87 -8.47 -27.31
C ARG D 147 -44.21 -9.96 -27.49
N ALA D 148 -43.54 -10.63 -28.42
CA ALA D 148 -43.85 -12.05 -28.70
C ALA D 148 -43.33 -13.00 -27.62
N PHE D 149 -42.20 -12.69 -26.97
CA PHE D 149 -41.64 -13.55 -25.92
C PHE D 149 -41.91 -13.16 -24.46
N ALA D 150 -42.27 -11.92 -24.19
CA ALA D 150 -42.46 -11.47 -22.81
C ALA D 150 -43.61 -12.21 -22.08
N PRO D 151 -44.74 -12.46 -22.76
CA PRO D 151 -45.81 -13.23 -22.11
C PRO D 151 -45.33 -14.55 -21.47
N ALA D 152 -44.54 -15.35 -22.19
CA ALA D 152 -44.05 -16.62 -21.68
C ALA D 152 -43.07 -16.39 -20.51
N MET D 153 -42.17 -15.40 -20.66
CA MET D 153 -41.27 -15.03 -19.57
C MET D 153 -42.01 -14.59 -18.31
N ILE D 154 -43.04 -13.75 -18.47
CA ILE D 154 -43.89 -13.26 -17.36
C ILE D 154 -44.56 -14.44 -16.65
N ALA D 155 -45.27 -15.26 -17.40
CA ALA D 155 -45.88 -16.47 -16.85
C ALA D 155 -44.86 -17.31 -16.06
N ALA D 156 -43.65 -17.48 -16.62
CA ALA D 156 -42.61 -18.31 -15.99
C ALA D 156 -41.91 -17.62 -14.81
N LYS D 157 -42.18 -16.33 -14.61
CA LYS D 157 -41.51 -15.45 -13.62
C LYS D 157 -39.97 -15.47 -13.68
N ARG D 158 -39.44 -15.63 -14.88
CA ARG D 158 -37.99 -15.49 -15.12
C ARG D 158 -37.76 -15.21 -16.60
N GLY D 159 -36.54 -14.74 -16.91
CA GLY D 159 -36.15 -14.39 -18.27
C GLY D 159 -35.24 -13.15 -18.35
N HIS D 160 -34.36 -13.18 -19.33
CA HIS D 160 -33.51 -12.07 -19.70
C HIS D 160 -33.83 -11.59 -21.13
N ILE D 161 -33.96 -10.27 -21.29
CA ILE D 161 -33.96 -9.64 -22.61
C ILE D 161 -32.76 -8.70 -22.66
N ILE D 162 -31.80 -9.07 -23.49
CA ILE D 162 -30.55 -8.38 -23.55
C ILE D 162 -30.37 -7.67 -24.89
N ASN D 163 -30.04 -6.36 -24.87
CA ASN D 163 -30.02 -5.56 -26.10
C ASN D 163 -28.62 -5.03 -26.35
N ILE D 164 -28.12 -5.22 -27.57
CA ILE D 164 -26.81 -4.75 -28.00
C ILE D 164 -26.92 -3.41 -28.74
N SER D 165 -26.41 -2.36 -28.13
CA SER D 165 -26.60 -1.03 -28.69
C SER D 165 -25.25 -0.48 -29.05
N SER D 166 -25.08 -0.03 -30.29
CA SER D 166 -23.78 0.56 -30.69
C SER D 166 -23.61 2.06 -30.37
N LEU D 167 -24.60 2.69 -29.72
CA LEU D 167 -24.47 4.08 -29.27
C LEU D 167 -25.04 4.25 -27.86
N ALA D 168 -24.32 4.99 -27.01
CA ALA D 168 -24.72 5.18 -25.60
C ALA D 168 -25.67 6.37 -25.31
N GLY D 169 -26.02 7.16 -26.33
CA GLY D 169 -27.09 8.18 -26.17
C GLY D 169 -26.55 9.57 -25.97
N LYS D 170 -25.24 9.72 -26.14
CA LYS D 170 -24.50 10.92 -25.85
C LYS D 170 -24.11 11.71 -27.13
N ASN D 171 -23.55 11.02 -28.13
CA ASN D 171 -22.91 11.67 -29.29
C ASN D 171 -23.60 11.30 -30.59
N PRO D 172 -23.84 12.29 -31.42
CA PRO D 172 -24.55 12.16 -32.71
C PRO D 172 -23.66 11.61 -33.79
N VAL D 173 -24.18 10.83 -34.72
CA VAL D 173 -23.39 10.52 -35.89
C VAL D 173 -23.87 11.36 -37.09
N ALA D 174 -23.09 12.39 -37.47
CA ALA D 174 -23.39 13.19 -38.68
C ALA D 174 -23.43 12.27 -39.89
N ASP D 175 -24.48 12.34 -40.70
CA ASP D 175 -24.58 11.45 -41.85
C ASP D 175 -24.93 10.02 -41.44
N GLY D 176 -25.30 9.85 -40.17
CA GLY D 176 -25.92 8.61 -39.67
C GLY D 176 -27.10 9.00 -38.78
N ALA D 177 -27.90 9.99 -39.23
CA ALA D 177 -28.94 10.60 -38.37
C ALA D 177 -30.06 9.60 -37.93
N ALA D 178 -30.58 8.86 -38.89
CA ALA D 178 -31.63 7.88 -38.63
C ALA D 178 -31.06 6.73 -37.80
N TYR D 179 -29.84 6.34 -38.10
CA TYR D 179 -29.14 5.32 -37.35
C TYR D 179 -29.04 5.72 -35.86
N THR D 180 -28.52 6.93 -35.64
CA THR D 180 -28.48 7.55 -34.30
C THR D 180 -29.85 7.52 -33.60
N ALA D 181 -30.90 7.99 -34.31
CA ALA D 181 -32.24 7.97 -33.74
C ALA D 181 -32.61 6.57 -33.31
N SER D 182 -32.22 5.56 -34.12
CA SER D 182 -32.71 4.20 -33.86
C SER D 182 -32.00 3.68 -32.63
N LYS D 183 -30.77 4.13 -32.38
CA LYS D 183 -30.05 3.64 -31.18
C LYS D 183 -30.45 4.33 -29.88
N TRP D 184 -30.54 5.66 -29.90
CA TRP D 184 -31.01 6.42 -28.72
C TRP D 184 -32.44 5.96 -28.44
N GLY D 185 -33.22 5.77 -29.52
CA GLY D 185 -34.58 5.24 -29.43
C GLY D 185 -34.63 3.87 -28.74
N LEU D 186 -33.80 2.93 -29.22
CA LEU D 186 -33.64 1.61 -28.58
C LEU D 186 -33.32 1.75 -27.05
N ASN D 187 -32.36 2.60 -26.71
CA ASN D 187 -32.00 2.81 -25.30
C ASN D 187 -33.22 3.26 -24.49
N GLY D 188 -34.03 4.17 -25.05
CA GLY D 188 -35.19 4.65 -24.32
C GLY D 188 -36.27 3.60 -24.25
N LEU D 189 -36.47 2.93 -25.37
CA LEU D 189 -37.47 1.82 -25.44
C LEU D 189 -37.20 0.76 -24.34
N MET D 190 -35.94 0.33 -24.25
CA MET D 190 -35.60 -0.78 -23.36
C MET D 190 -35.38 -0.40 -21.89
N THR D 191 -34.94 0.84 -21.64
CA THR D 191 -34.90 1.41 -20.29
C THR D 191 -36.33 1.45 -19.69
N SER D 192 -37.31 1.85 -20.51
CA SER D 192 -38.70 1.86 -20.06
C SER D 192 -39.26 0.45 -19.84
N ALA D 193 -39.03 -0.45 -20.80
CA ALA D 193 -39.56 -1.82 -20.68
C ALA D 193 -38.99 -2.50 -19.44
N ALA D 194 -37.72 -2.19 -19.13
CA ALA D 194 -37.06 -2.71 -17.92
C ALA D 194 -37.83 -2.36 -16.63
N GLU D 195 -38.36 -1.13 -16.54
CA GLU D 195 -39.19 -0.74 -15.40
C GLU D 195 -40.51 -1.47 -15.39
N GLU D 196 -41.06 -1.73 -16.58
CA GLU D 196 -42.33 -2.40 -16.68
C GLU D 196 -42.22 -3.86 -16.26
N LEU D 197 -41.13 -4.51 -16.63
CA LEU D 197 -41.00 -5.93 -16.37
C LEU D 197 -40.35 -6.40 -15.08
N ARG D 198 -39.84 -5.50 -14.26
CA ARG D 198 -39.17 -5.89 -13.04
C ARG D 198 -40.11 -6.64 -12.15
N GLN D 199 -41.34 -6.15 -12.09
CA GLN D 199 -42.32 -6.68 -11.19
C GLN D 199 -42.63 -8.12 -11.48
N HIS D 200 -42.40 -8.53 -12.71
CA HIS D 200 -42.69 -9.89 -13.09
C HIS D 200 -41.41 -10.74 -13.07
N GLN D 201 -40.36 -10.23 -12.48
CA GLN D 201 -39.11 -10.97 -12.42
C GLN D 201 -38.43 -11.11 -13.77
N VAL D 202 -38.81 -10.30 -14.73
CA VAL D 202 -38.18 -10.34 -16.03
C VAL D 202 -37.18 -9.19 -16.11
N ARG D 203 -35.96 -9.49 -16.56
CA ARG D 203 -34.86 -8.54 -16.53
C ARG D 203 -34.40 -8.08 -17.91
N VAL D 204 -34.64 -6.79 -18.19
CA VAL D 204 -34.27 -6.21 -19.48
C VAL D 204 -32.99 -5.41 -19.31
N SER D 205 -32.02 -5.62 -20.19
CA SER D 205 -30.73 -4.97 -20.01
C SER D 205 -30.18 -4.44 -21.35
N LEU D 206 -29.21 -3.53 -21.23
CA LEU D 206 -28.50 -2.93 -22.36
C LEU D 206 -27.00 -3.09 -22.25
N VAL D 207 -26.39 -3.23 -23.41
CA VAL D 207 -24.97 -3.32 -23.51
C VAL D 207 -24.53 -2.36 -24.56
N ALA D 208 -23.61 -1.46 -24.23
CA ALA D 208 -23.32 -0.36 -25.12
C ALA D 208 -21.87 0.09 -24.97
N PRO D 209 -21.39 0.91 -25.91
CA PRO D 209 -19.98 1.34 -25.77
C PRO D 209 -19.78 2.38 -24.70
N GLY D 210 -18.61 2.31 -24.06
CA GLY D 210 -18.24 3.18 -22.98
C GLY D 210 -17.39 4.37 -23.39
N SER D 211 -17.08 4.54 -24.68
CA SER D 211 -16.32 5.72 -25.12
C SER D 211 -16.79 6.24 -26.48
N VAL D 212 -16.60 7.54 -26.74
CA VAL D 212 -16.91 8.11 -28.06
C VAL D 212 -16.08 7.50 -29.22
N ARG D 213 -14.79 7.25 -28.97
CA ARG D 213 -13.87 6.71 -29.99
C ARG D 213 -14.15 5.25 -30.33
N ALA D 229 -13.80 -1.68 -32.43
CA ALA D 229 -12.57 -1.70 -31.63
C ALA D 229 -12.79 -2.60 -30.41
N ILE D 230 -13.89 -3.35 -30.38
CA ILE D 230 -14.19 -4.28 -29.27
C ILE D 230 -14.30 -5.71 -29.80
N GLU D 231 -13.58 -6.62 -29.16
CA GLU D 231 -13.58 -8.02 -29.57
C GLU D 231 -14.96 -8.65 -29.30
N PRO D 232 -15.60 -9.24 -30.35
CA PRO D 232 -16.85 -9.98 -30.16
C PRO D 232 -16.96 -10.80 -28.85
N ASP D 233 -15.89 -11.43 -28.40
CA ASP D 233 -15.93 -12.22 -27.16
C ASP D 233 -16.13 -11.37 -25.89
N ASP D 234 -15.61 -10.15 -25.91
CA ASP D 234 -15.85 -9.24 -24.76
C ASP D 234 -17.36 -9.07 -24.56
N ILE D 235 -18.08 -8.82 -25.67
CA ILE D 235 -19.51 -8.69 -25.63
C ILE D 235 -20.23 -9.99 -25.24
N ALA D 236 -19.82 -11.08 -25.89
CA ALA D 236 -20.34 -12.40 -25.57
C ALA D 236 -20.15 -12.73 -24.10
N ASP D 237 -19.01 -12.34 -23.52
CA ASP D 237 -18.78 -12.56 -22.09
C ASP D 237 -19.76 -11.78 -21.22
N VAL D 238 -19.96 -10.50 -21.57
CA VAL D 238 -20.86 -9.63 -20.83
C VAL D 238 -22.28 -10.23 -20.90
N VAL D 239 -22.65 -10.71 -22.09
CA VAL D 239 -23.96 -11.30 -22.28
C VAL D 239 -24.10 -12.55 -21.40
N ALA D 240 -23.05 -13.38 -21.41
CA ALA D 240 -22.93 -14.55 -20.50
C ALA D 240 -23.19 -14.15 -19.05
N LEU D 241 -22.42 -13.17 -18.60
CA LEU D 241 -22.57 -12.58 -17.26
C LEU D 241 -24.01 -12.15 -16.95
N LEU D 242 -24.67 -11.46 -17.88
CA LEU D 242 -26.06 -11.03 -17.67
C LEU D 242 -27.00 -12.24 -17.61
N ALA D 243 -26.80 -13.17 -18.54
CA ALA D 243 -27.65 -14.37 -18.63
C ALA D 243 -27.57 -15.26 -17.38
N THR D 244 -26.43 -15.24 -16.69
CA THR D 244 -26.27 -16.07 -15.52
C THR D 244 -26.22 -15.34 -14.16
N GLN D 245 -26.79 -14.15 -14.04
CA GLN D 245 -26.86 -13.45 -12.73
C GLN D 245 -27.67 -14.24 -11.70
N ALA D 246 -27.35 -14.05 -10.41
CA ALA D 246 -28.27 -14.31 -9.28
C ALA D 246 -29.66 -13.77 -9.62
N ASP D 247 -30.72 -14.48 -9.23
CA ASP D 247 -32.13 -14.04 -9.40
C ASP D 247 -32.44 -12.65 -8.81
N GLN D 248 -31.92 -12.37 -7.64
CA GLN D 248 -32.20 -11.11 -6.97
C GLN D 248 -31.62 -9.90 -7.66
N SER D 249 -30.43 -10.07 -8.18
CA SER D 249 -29.75 -8.97 -8.84
C SER D 249 -30.29 -8.49 -10.15
N PHE D 250 -30.22 -7.18 -10.34
CA PHE D 250 -30.64 -6.63 -11.61
C PHE D 250 -29.65 -5.62 -12.23
N ILE D 251 -28.68 -6.12 -12.97
CA ILE D 251 -27.84 -5.24 -13.78
C ILE D 251 -28.63 -4.76 -15.02
N SER D 252 -28.83 -3.45 -15.15
CA SER D 252 -29.62 -2.87 -16.25
C SER D 252 -28.83 -2.39 -17.45
N GLU D 253 -27.59 -1.95 -17.22
CA GLU D 253 -26.75 -1.48 -18.34
C GLU D 253 -25.29 -1.82 -18.08
N VAL D 254 -24.56 -2.18 -19.13
CA VAL D 254 -23.13 -2.41 -19.03
C VAL D 254 -22.47 -1.68 -20.17
N LEU D 255 -21.50 -0.80 -19.85
CA LEU D 255 -20.72 -0.11 -20.88
C LEU D 255 -19.34 -0.77 -21.04
N VAL D 256 -18.94 -1.01 -22.28
CA VAL D 256 -17.68 -1.70 -22.56
C VAL D 256 -16.73 -0.78 -23.33
N ARG D 257 -15.47 -0.65 -22.93
CA ARG D 257 -14.51 0.14 -23.71
C ARG D 257 -13.73 -0.78 -24.67
N PRO D 258 -13.02 -0.20 -25.66
CA PRO D 258 -12.27 -1.04 -26.61
C PRO D 258 -11.36 -2.04 -25.89
N THR D 259 -11.21 -3.23 -26.48
CA THR D 259 -10.39 -4.30 -25.91
C THR D 259 -8.94 -3.86 -25.63
N LEU D 260 -8.38 -4.26 -24.48
CA LEU D 260 -6.97 -3.95 -24.18
C LEU D 260 -6.02 -4.60 -25.20
N LYS D 261 -5.01 -3.83 -25.64
CA LYS D 261 -4.12 -4.27 -26.74
C LYS D 261 -2.82 -4.87 -26.28
PA NAP E . -20.41 7.56 7.01
O1A NAP E . -19.87 7.10 8.45
O2A NAP E . -21.69 6.84 6.74
O5B NAP E . -19.31 7.08 5.89
C5B NAP E . -19.60 5.78 5.33
C4B NAP E . -18.32 4.95 5.13
O4B NAP E . -17.27 5.83 4.63
C3B NAP E . -17.88 4.39 6.53
O3B NAP E . -17.35 3.06 6.58
C2B NAP E . -16.79 5.36 6.98
O2B NAP E . -15.82 4.60 7.70
C1B NAP E . -16.21 5.93 5.65
N9A NAP E . -15.71 7.29 5.96
C8A NAP E . -16.43 8.41 6.24
N7A NAP E . -15.61 9.41 6.50
C5A NAP E . -14.32 9.01 6.43
C6A NAP E . -13.02 9.63 6.60
N6A NAP E . -12.81 10.97 6.93
N1A NAP E . -11.96 8.88 6.41
C2A NAP E . -12.08 7.57 6.11
N3A NAP E . -13.26 6.95 5.94
C4A NAP E . -14.39 7.63 6.08
O3 NAP E . -20.63 9.19 7.01
PN NAP E . -22.06 9.78 6.44
O1N NAP E . -22.60 8.93 5.16
O2N NAP E . -23.13 9.76 7.65
O5D NAP E . -21.92 11.21 6.04
P2B NAP E . -15.92 5.12 9.21
O1X NAP E . -15.17 4.16 10.25
O2X NAP E . -15.25 6.58 9.32
O3X NAP E . -17.33 5.27 9.60
S SO4 F . -10.74 4.56 -25.07
O1 SO4 F . -9.99 5.61 -24.30
O2 SO4 F . -9.82 3.77 -25.88
O3 SO4 F . -11.71 5.18 -25.96
O4 SO4 F . -11.46 3.65 -24.16
S SO4 G . -23.38 1.70 2.59
O1 SO4 G . -24.16 0.55 2.15
O2 SO4 G . -22.08 1.66 1.93
O3 SO4 G . -23.23 1.69 4.06
O4 SO4 G . -24.09 2.91 2.19
S SO4 H . -4.46 17.86 3.63
O1 SO4 H . -5.06 16.98 2.65
O2 SO4 H . -3.04 18.05 3.35
O3 SO4 H . -5.14 19.16 3.54
O4 SO4 H . -4.67 17.25 4.96
PA NAP I . 22.58 20.86 8.76
O1A NAP I . 24.05 20.67 8.87
O2A NAP I . 22.24 22.38 8.36
O5B NAP I . 21.97 19.87 7.63
C5B NAP I . 22.85 19.66 6.49
C4B NAP I . 21.98 19.13 5.35
O4B NAP I . 21.00 18.21 5.95
C3B NAP I . 21.20 20.30 4.67
O3B NAP I . 21.00 20.26 3.23
C2B NAP I . 19.82 20.21 5.31
O2B NAP I . 18.93 20.62 4.30
C1B NAP I . 19.64 18.70 5.72
N9A NAP I . 18.66 18.66 6.86
C8A NAP I . 18.85 19.05 8.14
N7A NAP I . 17.73 18.92 8.85
C5A NAP I . 16.73 18.44 8.04
C6A NAP I . 15.33 18.12 8.22
N6A NAP I . 14.61 18.22 9.42
N1A NAP I . 14.69 17.68 7.16
C2A NAP I . 15.30 17.58 5.98
N3A NAP I . 16.59 17.84 5.76
C4A NAP I . 17.33 18.27 6.76
O3 NAP I . 21.82 20.47 10.16
PN NAP I . 22.45 21.05 11.54
O1N NAP I . 23.30 19.96 12.36
O2N NAP I . 23.38 22.33 11.24
O5D NAP I . 21.28 21.43 12.40
P2B NAP I . 18.42 22.02 4.83
O1X NAP I . 19.52 22.65 5.58
O2X NAP I . 17.18 21.71 5.80
O3X NAP I . 17.96 23.03 3.67
S SO4 J . 28.08 18.68 4.16
O1 SO4 J . 28.57 18.13 2.90
O2 SO4 J . 29.16 18.69 5.13
O3 SO4 J . 27.59 20.06 3.97
O4 SO4 J . 26.99 17.84 4.63
S SO4 K . 36.00 6.26 12.36
O1 SO4 K . 36.93 7.14 13.08
O2 SO4 K . 36.70 5.06 11.93
O3 SO4 K . 34.88 5.86 13.26
O4 SO4 K . 35.52 7.09 11.25
S SO4 L . 6.39 11.53 12.80
O1 SO4 L . 5.35 11.80 11.79
O2 SO4 L . 7.62 11.14 12.10
O3 SO4 L . 6.60 12.81 13.52
O4 SO4 L . 6.01 10.43 13.71
S SO4 M . 18.37 -12.74 28.27
O1 SO4 M . 18.32 -12.89 26.81
O2 SO4 M . 19.19 -13.81 28.83
O3 SO4 M . 18.94 -11.43 28.57
O4 SO4 M . 17.03 -12.80 28.87
S SO4 N . 10.90 12.72 25.22
O1 SO4 N . 11.01 13.90 24.33
O2 SO4 N . 11.95 11.78 24.89
O3 SO4 N . 11.17 13.12 26.60
O4 SO4 N . 9.60 12.08 25.04
S SO4 O . 6.75 9.30 26.04
O1 SO4 O . 6.11 8.06 25.66
O2 SO4 O . 8.15 9.27 25.62
O3 SO4 O . 6.63 9.51 27.46
O4 SO4 O . 6.08 10.40 25.34
S SO4 P . -36.91 0.51 -10.81
O1 SO4 P . -37.45 0.96 -12.09
O2 SO4 P . -35.66 -0.24 -11.05
O3 SO4 P . -36.61 1.64 -9.92
O4 SO4 P . -37.91 -0.34 -10.15
S SO4 Q . -28.35 -11.31 -41.60
O1 SO4 Q . -27.81 -10.76 -42.84
O2 SO4 Q . -27.39 -11.64 -40.54
O3 SO4 Q . -29.25 -10.32 -41.09
O4 SO4 Q . -29.04 -12.50 -42.00
S SO4 R . -21.18 -7.31 -35.62
O1 SO4 R . -20.60 -6.42 -36.62
O2 SO4 R . -20.11 -7.97 -34.87
O3 SO4 R . -22.00 -6.51 -34.72
O4 SO4 R . -22.10 -8.29 -36.19
S SO4 S . -45.31 -4.95 -41.72
O1 SO4 S . -44.15 -5.63 -42.24
O2 SO4 S . -45.23 -3.54 -42.04
O3 SO4 S . -45.39 -5.08 -40.28
O4 SO4 S . -46.48 -5.53 -42.31
#